data_4XL2
#
_entry.id   4XL2
#
_cell.length_a   203.227
_cell.length_b   53.987
_cell.length_c   72.968
_cell.angle_alpha   90.00
_cell.angle_beta   90.00
_cell.angle_gamma   90.00
#
_symmetry.space_group_name_H-M   'P 21 21 2'
#
loop_
_entity.id
_entity.type
_entity.pdbx_description
1 polymer 'Acetyl-CoA acetyltransferase'
2 non-polymer 'ACETATE ION'
3 non-polymer DI(HYDROXYETHYL)ETHER
4 non-polymer GLYCEROL
5 water water
#
_entity_poly.entity_id   1
_entity_poly.type   'polypeptide(L)'
_entity_poly.pdbx_seq_one_letter_code
;MKEVVIASAVRTAIGSYGKSLKDVPAVDLGATAIKEAVKKAGIKPEDVNEVILGNVLQAGLGQNPARQASFKAGLPVEIP
AMTINKVCGSGLRTVSLAAQIIKAGDADVIIAGGMENMSRAPYLANNARWGYRMGNAKFVDEMITDGLWDAFNDYHMGIT
AENIAERWNISREEQDEFALASQKKAEEAIKSGQFKDEIVPVVIKGRKGETVVDTDEHPRFGSTIEGLAKLKPAFKKDGT
VTAGNASGLNDCAAVLVIMSAEKAKELGVKPLAKIVSYGSAGVDPAIMGYGPFYATKAAIEKAGWTVDELDLIESNEAFA
AQSLAVAKDLKFDMNKVNVNGGAIALGHPIGASGARILVTLVHAMQKRDAKKGLATLCIGGGQGTAILLEKCLEHHHHHH
;
_entity_poly.pdbx_strand_id   A,B
#
loop_
_chem_comp.id
_chem_comp.type
_chem_comp.name
_chem_comp.formula
ACT non-polymer 'ACETATE ION' 'C2 H3 O2 -1'
GOL non-polymer GLYCEROL 'C3 H8 O3'
PEG non-polymer DI(HYDROXYETHYL)ETHER 'C4 H10 O3'
#
# COMPACT_ATOMS: atom_id res chain seq x y z
N MET A 1 12.04 11.80 21.26
CA MET A 1 10.95 11.44 20.30
C MET A 1 10.09 12.67 20.01
N LYS A 2 10.07 13.10 18.77
CA LYS A 2 9.25 14.21 18.37
C LYS A 2 7.74 14.05 18.69
N GLU A 3 7.13 15.12 19.15
CA GLU A 3 5.66 15.17 19.21
C GLU A 3 5.09 15.36 17.83
N VAL A 4 3.94 14.73 17.60
CA VAL A 4 3.34 14.73 16.25
C VAL A 4 1.92 15.24 16.35
N VAL A 5 1.54 16.14 15.48
CA VAL A 5 0.27 16.78 15.56
C VAL A 5 -0.50 16.71 14.22
N ILE A 6 -1.78 16.99 14.32
CA ILE A 6 -2.69 17.14 13.19
C ILE A 6 -2.86 18.61 12.92
N ALA A 7 -2.31 19.10 11.82
CA ALA A 7 -2.50 20.47 11.35
C ALA A 7 -3.86 20.82 10.73
N SER A 8 -4.40 19.90 9.96
CA SER A 8 -5.67 20.08 9.31
C SER A 8 -6.31 18.73 9.07
N ALA A 9 -7.63 18.74 8.94
CA ALA A 9 -8.37 17.52 8.69
C ALA A 9 -9.58 17.83 7.83
N VAL A 10 -9.62 17.26 6.64
CA VAL A 10 -10.63 17.57 5.66
C VAL A 10 -11.14 16.30 4.98
N ARG A 11 -12.40 16.29 4.60
CA ARG A 11 -12.96 15.20 3.83
C ARG A 11 -13.98 15.71 2.85
N THR A 12 -14.21 14.96 1.78
CA THR A 12 -15.36 15.16 0.92
C THR A 12 -16.57 14.64 1.66
N ALA A 13 -17.75 15.05 1.25
CA ALA A 13 -18.92 14.31 1.58
C ALA A 13 -18.76 12.82 1.26
N ILE A 14 -19.54 12.00 1.92
CA ILE A 14 -19.61 10.57 1.65
C ILE A 14 -20.79 10.31 0.77
N GLY A 15 -20.48 9.89 -0.48
CA GLY A 15 -21.52 9.52 -1.41
C GLY A 15 -22.07 8.13 -1.30
N SER A 16 -23.31 7.98 -1.71
CA SER A 16 -23.92 6.70 -1.77
C SER A 16 -23.60 5.92 -3.05
N TYR A 17 -23.76 4.62 -2.96
CA TYR A 17 -23.42 3.69 -4.08
C TYR A 17 -24.18 3.98 -5.35
N GLY A 18 -23.43 4.24 -6.39
CA GLY A 18 -23.99 4.67 -7.70
C GLY A 18 -24.64 6.03 -7.76
N LYS A 19 -24.42 6.91 -6.78
CA LYS A 19 -25.10 8.19 -6.73
C LYS A 19 -24.21 9.36 -6.83
N SER A 20 -24.10 10.24 -5.83
CA SER A 20 -23.63 11.62 -6.12
C SER A 20 -22.17 11.74 -6.60
N LEU A 21 -21.31 10.80 -6.21
CA LEU A 21 -19.92 10.79 -6.59
C LEU A 21 -19.53 9.73 -7.61
N LYS A 22 -20.54 9.15 -8.27
CA LYS A 22 -20.29 8.02 -9.20
C LYS A 22 -19.37 8.43 -10.31
N ASP A 23 -19.38 9.72 -10.68
CA ASP A 23 -18.57 10.16 -11.83
C ASP A 23 -17.25 10.76 -11.39
N VAL A 24 -16.87 10.60 -10.10
CA VAL A 24 -15.66 11.26 -9.64
C VAL A 24 -14.64 10.22 -9.11
N PRO A 25 -13.62 9.92 -9.92
CA PRO A 25 -12.57 8.92 -9.55
C PRO A 25 -12.04 9.20 -8.17
N ALA A 26 -11.74 8.13 -7.41
CA ALA A 26 -11.10 8.24 -6.15
C ALA A 26 -9.92 9.22 -6.12
N VAL A 27 -9.08 9.20 -7.16
CA VAL A 27 -7.91 10.06 -7.14
C VAL A 27 -8.29 11.51 -7.20
N ASP A 28 -9.43 11.82 -7.85
CA ASP A 28 -9.91 13.21 -7.87
C ASP A 28 -10.54 13.68 -6.53
N LEU A 29 -11.21 12.79 -5.84
CA LEU A 29 -11.68 13.01 -4.50
C LEU A 29 -10.47 13.27 -3.63
N GLY A 30 -9.46 12.40 -3.74
CA GLY A 30 -8.24 12.59 -2.98
C GLY A 30 -7.57 13.93 -3.28
N ALA A 31 -7.48 14.29 -4.53
CA ALA A 31 -6.83 15.58 -4.90
C ALA A 31 -7.57 16.76 -4.28
N THR A 32 -8.92 16.71 -4.32
CA THR A 32 -9.74 17.80 -3.83
C THR A 32 -9.49 17.95 -2.32
N ALA A 33 -9.49 16.82 -1.59
CA ALA A 33 -9.18 16.85 -0.17
C ALA A 33 -7.72 17.30 0.18
N ILE A 34 -6.73 16.86 -0.59
CA ILE A 34 -5.38 17.29 -0.34
C ILE A 34 -5.21 18.80 -0.47
N LYS A 35 -5.71 19.31 -1.57
CA LYS A 35 -5.53 20.70 -1.87
C LYS A 35 -6.09 21.55 -0.75
N GLU A 36 -7.27 21.19 -0.25
CA GLU A 36 -7.90 21.88 0.84
C GLU A 36 -7.23 21.66 2.18
N ALA A 37 -6.75 20.43 2.44
CA ALA A 37 -6.04 20.19 3.65
C ALA A 37 -4.75 21.07 3.80
N VAL A 38 -4.06 21.25 2.69
CA VAL A 38 -2.86 22.07 2.67
C VAL A 38 -3.29 23.53 2.99
N LYS A 39 -4.29 24.02 2.28
CA LYS A 39 -4.80 25.38 2.47
C LYS A 39 -5.25 25.59 3.92
N LYS A 40 -6.00 24.63 4.47
CA LYS A 40 -6.44 24.76 5.88
C LYS A 40 -5.34 24.68 6.88
N ALA A 41 -4.24 24.00 6.58
CA ALA A 41 -3.16 23.91 7.56
C ALA A 41 -2.35 25.25 7.60
N GLY A 42 -2.52 26.03 6.54
CA GLY A 42 -1.84 27.27 6.34
C GLY A 42 -0.43 27.08 5.92
N ILE A 43 -0.16 26.06 5.11
CA ILE A 43 1.15 25.78 4.62
C ILE A 43 1.09 25.85 3.11
N LYS A 44 2.24 25.75 2.49
CA LYS A 44 2.32 25.65 1.06
C LYS A 44 2.52 24.21 0.60
N PRO A 45 2.21 23.94 -0.68
CA PRO A 45 2.39 22.59 -1.28
C PRO A 45 3.83 22.16 -1.14
N GLU A 46 4.75 23.12 -1.33
CA GLU A 46 6.19 22.91 -1.17
C GLU A 46 6.62 22.46 0.23
N ASP A 47 5.81 22.70 1.25
CA ASP A 47 6.17 22.30 2.61
C ASP A 47 5.91 20.79 2.90
N VAL A 48 5.19 20.14 2.01
CA VAL A 48 4.88 18.67 2.20
C VAL A 48 6.04 17.77 1.78
N ASN A 49 6.48 16.86 2.64
CA ASN A 49 7.58 15.99 2.39
C ASN A 49 7.18 14.67 1.71
N GLU A 50 5.98 14.17 2.04
CA GLU A 50 5.55 12.86 1.53
C GLU A 50 4.04 12.70 1.58
N VAL A 51 3.52 11.85 0.71
CA VAL A 51 2.06 11.61 0.59
C VAL A 51 1.87 10.11 0.81
N ILE A 52 1.02 9.76 1.77
CA ILE A 52 0.73 8.38 2.08
C ILE A 52 -0.79 8.20 2.20
N LEU A 53 -1.40 7.51 1.26
CA LEU A 53 -2.86 7.43 1.22
C LEU A 53 -3.38 6.00 1.11
N GLY A 54 -4.40 5.68 1.89
CA GLY A 54 -5.11 4.43 1.77
C GLY A 54 -6.01 4.38 0.55
N ASN A 55 -6.03 3.24 -0.12
CA ASN A 55 -6.93 3.01 -1.23
C ASN A 55 -7.01 1.51 -1.39
N VAL A 56 -8.21 0.94 -1.36
CA VAL A 56 -8.32 -0.51 -1.40
C VAL A 56 -8.64 -1.08 -2.77
N LEU A 57 -9.55 -0.44 -3.46
CA LEU A 57 -9.96 -0.89 -4.78
C LEU A 57 -9.13 -0.21 -5.87
N GLN A 58 -7.87 -0.62 -6.01
CA GLN A 58 -6.92 0.05 -6.88
C GLN A 58 -7.00 -0.37 -8.34
N ALA A 59 -7.80 -1.37 -8.62
CA ALA A 59 -7.84 -2.08 -9.90
C ALA A 59 -8.21 -1.13 -10.99
N GLY A 60 -7.28 -0.95 -11.90
CA GLY A 60 -7.47 -0.11 -13.07
C GLY A 60 -7.41 1.35 -12.77
N LEU A 61 -7.00 1.71 -11.57
CA LEU A 61 -6.90 3.13 -11.29
C LEU A 61 -5.61 3.82 -11.86
N GLY A 62 -4.70 3.02 -12.37
CA GLY A 62 -3.42 3.45 -12.97
C GLY A 62 -2.34 3.47 -11.95
N GLN A 63 -1.12 3.77 -12.37
CA GLN A 63 0.03 3.68 -11.52
C GLN A 63 -0.10 4.53 -10.26
N ASN A 64 0.14 3.94 -9.11
CA ASN A 64 0.30 4.73 -7.88
C ASN A 64 -0.79 5.76 -7.63
N PRO A 65 -2.05 5.23 -7.29
CA PRO A 65 -3.12 6.23 -7.15
C PRO A 65 -2.78 7.39 -6.19
N ALA A 66 -2.06 7.17 -5.10
CA ALA A 66 -1.72 8.25 -4.20
C ALA A 66 -0.92 9.34 -4.91
N ARG A 67 -0.03 8.94 -5.79
CA ARG A 67 0.82 9.91 -6.54
C ARG A 67 -0.03 10.71 -7.51
N GLN A 68 -1.01 10.04 -8.13
CA GLN A 68 -1.95 10.74 -8.97
C GLN A 68 -2.73 11.82 -8.20
N ALA A 69 -3.23 11.45 -7.04
CA ALA A 69 -3.92 12.43 -6.21
C ALA A 69 -3.05 13.61 -5.84
N SER A 70 -1.81 13.31 -5.47
CA SER A 70 -0.83 14.34 -5.10
C SER A 70 -0.60 15.33 -6.24
N PHE A 71 -0.31 14.77 -7.40
CA PHE A 71 -0.11 15.56 -8.62
C PHE A 71 -1.33 16.42 -8.96
N LYS A 72 -2.51 15.80 -8.92
CA LYS A 72 -3.73 16.50 -9.32
C LYS A 72 -4.11 17.57 -8.31
N ALA A 73 -3.65 17.44 -7.08
CA ALA A 73 -3.84 18.47 -6.05
C ALA A 73 -2.92 19.69 -6.19
N GLY A 74 -1.95 19.64 -7.09
CA GLY A 74 -0.92 20.72 -7.20
C GLY A 74 0.32 20.57 -6.40
N LEU A 75 0.59 19.38 -5.85
CA LEU A 75 1.77 19.19 -5.06
C LEU A 75 2.92 18.96 -6.02
N PRO A 76 4.12 19.45 -5.67
CA PRO A 76 5.32 19.25 -6.51
C PRO A 76 5.47 17.79 -6.95
N VAL A 77 5.77 17.57 -8.22
CA VAL A 77 5.94 16.21 -8.78
C VAL A 77 6.99 15.37 -8.06
N GLU A 78 7.98 16.04 -7.48
CA GLU A 78 9.05 15.32 -6.83
C GLU A 78 8.74 14.80 -5.39
N ILE A 79 7.57 15.13 -4.84
CA ILE A 79 7.21 14.69 -3.49
C ILE A 79 6.88 13.18 -3.62
N PRO A 80 7.55 12.35 -2.85
CA PRO A 80 7.23 10.93 -2.98
C PRO A 80 5.84 10.59 -2.44
N ALA A 81 5.21 9.59 -3.05
CA ALA A 81 3.87 9.22 -2.66
C ALA A 81 3.76 7.70 -2.71
N MET A 82 2.96 7.13 -1.79
CA MET A 82 2.70 5.71 -1.84
C MET A 82 1.24 5.44 -1.46
N THR A 83 0.73 4.34 -2.01
CA THR A 83 -0.63 3.90 -1.79
C THR A 83 -0.61 2.69 -0.87
N ILE A 84 -1.40 2.74 0.19
CA ILE A 84 -1.41 1.72 1.22
C ILE A 84 -2.73 0.97 1.19
N ASN A 85 -2.66 -0.35 1.29
CA ASN A 85 -3.85 -1.17 1.34
C ASN A 85 -3.80 -2.09 2.55
N LYS A 86 -4.60 -1.75 3.53
CA LYS A 86 -4.83 -2.59 4.68
C LYS A 86 -6.34 -2.75 4.82
N VAL A 87 -7.04 -2.76 3.69
CA VAL A 87 -8.47 -2.87 3.69
C VAL A 87 -9.04 -1.83 4.66
N CYS A 88 -9.78 -2.32 5.64
CA CYS A 88 -10.49 -1.48 6.59
C CYS A 88 -9.51 -0.54 7.31
N GLY A 89 -8.35 -1.03 7.65
CA GLY A 89 -7.36 -0.21 8.39
C GLY A 89 -6.63 0.87 7.59
N SER A 90 -6.83 0.93 6.27
CA SER A 90 -5.91 1.69 5.41
C SER A 90 -5.76 3.15 5.81
N GLY A 91 -6.88 3.81 5.93
CA GLY A 91 -6.92 5.28 6.11
C GLY A 91 -6.35 5.73 7.44
N LEU A 92 -6.55 4.94 8.49
CA LEU A 92 -5.96 5.33 9.76
C LEU A 92 -4.51 4.94 9.86
N ARG A 93 -4.14 3.77 9.28
CA ARG A 93 -2.76 3.35 9.31
C ARG A 93 -1.84 4.30 8.63
N THR A 94 -2.30 5.03 7.60
CA THR A 94 -1.44 6.04 6.99
C THR A 94 -1.05 7.15 7.96
N VAL A 95 -1.93 7.49 8.88
CA VAL A 95 -1.69 8.53 9.90
C VAL A 95 -0.62 8.08 10.92
N SER A 96 -0.75 6.87 11.46
CA SER A 96 0.29 6.35 12.32
C SER A 96 1.60 6.13 11.60
N LEU A 97 1.59 5.69 10.32
CA LEU A 97 2.81 5.57 9.54
C LEU A 97 3.45 6.95 9.40
N ALA A 98 2.66 7.96 9.12
CA ALA A 98 3.18 9.33 9.05
C ALA A 98 3.85 9.74 10.35
N ALA A 99 3.22 9.42 11.47
CA ALA A 99 3.81 9.71 12.74
C ALA A 99 5.13 8.97 12.94
N GLN A 100 5.20 7.70 12.52
CA GLN A 100 6.40 6.93 12.60
C GLN A 100 7.52 7.49 11.79
N ILE A 101 7.26 7.86 10.55
CA ILE A 101 8.27 8.48 9.74
C ILE A 101 8.83 9.79 10.36
N ILE A 102 7.92 10.61 10.88
CA ILE A 102 8.28 11.87 11.58
C ILE A 102 9.12 11.54 12.82
N LYS A 103 8.67 10.60 13.64
CA LYS A 103 9.47 10.16 14.81
C LYS A 103 10.84 9.63 14.46
N ALA A 104 11.00 8.99 13.29
CA ALA A 104 12.25 8.43 12.88
C ALA A 104 13.24 9.51 12.42
N GLY A 105 12.76 10.73 12.23
CA GLY A 105 13.59 11.86 11.83
C GLY A 105 13.58 12.11 10.36
N ASP A 106 12.70 11.46 9.62
CA ASP A 106 12.79 11.51 8.16
C ASP A 106 11.80 12.43 7.44
N ALA A 107 10.92 13.11 8.15
CA ALA A 107 10.06 14.08 7.49
C ALA A 107 9.51 14.96 8.56
N ASP A 108 9.00 16.11 8.15
CA ASP A 108 8.40 17.07 9.06
C ASP A 108 6.91 17.24 8.78
N VAL A 109 6.48 17.06 7.52
CA VAL A 109 5.11 17.31 7.04
C VAL A 109 4.70 16.21 6.08
N ILE A 110 3.63 15.52 6.42
CA ILE A 110 3.16 14.39 5.61
C ILE A 110 1.63 14.53 5.40
N ILE A 111 1.18 14.32 4.17
CA ILE A 111 -0.23 14.26 3.82
C ILE A 111 -0.57 12.79 4.02
N ALA A 112 -1.54 12.53 4.84
CA ALA A 112 -2.03 11.18 5.09
C ALA A 112 -3.54 11.10 4.96
N GLY A 113 -4.07 9.88 4.95
CA GLY A 113 -5.50 9.67 4.87
C GLY A 113 -5.84 8.54 3.90
N GLY A 114 -6.96 8.65 3.22
CA GLY A 114 -7.46 7.65 2.32
C GLY A 114 -8.53 8.15 1.35
N MET A 115 -8.80 7.33 0.33
CA MET A 115 -9.71 7.63 -0.71
C MET A 115 -10.28 6.35 -1.28
N GLU A 116 -11.56 6.39 -1.65
CA GLU A 116 -12.20 5.24 -2.20
C GLU A 116 -13.37 5.68 -3.02
N ASN A 117 -13.52 5.06 -4.21
CA ASN A 117 -14.78 5.13 -4.91
C ASN A 117 -15.26 3.77 -5.24
N MET A 118 -16.10 3.21 -4.34
CA MET A 118 -16.68 1.94 -4.51
C MET A 118 -17.67 1.87 -5.68
N SER A 119 -18.33 2.99 -5.99
CA SER A 119 -19.25 3.05 -7.10
C SER A 119 -18.54 2.74 -8.46
N ARG A 120 -17.23 3.06 -8.56
CA ARG A 120 -16.50 2.93 -9.79
C ARG A 120 -15.64 1.67 -9.91
N ALA A 121 -15.75 0.70 -8.99
CA ALA A 121 -14.95 -0.47 -9.04
C ALA A 121 -15.29 -1.29 -10.30
N PRO A 122 -14.27 -1.85 -10.92
CA PRO A 122 -14.47 -2.63 -12.14
C PRO A 122 -15.07 -4.02 -11.90
N TYR A 123 -15.43 -4.65 -13.00
CA TYR A 123 -15.46 -6.12 -13.00
C TYR A 123 -14.23 -6.69 -13.64
N LEU A 124 -13.92 -7.93 -13.25
CA LEU A 124 -12.68 -8.57 -13.73
C LEU A 124 -12.92 -9.88 -14.47
N ALA A 125 -12.08 -10.07 -15.47
CA ALA A 125 -11.90 -11.37 -16.13
C ALA A 125 -10.51 -11.89 -15.83
N ASN A 126 -10.41 -12.79 -14.86
CA ASN A 126 -9.11 -13.21 -14.40
C ASN A 126 -8.29 -14.09 -15.37
N ASN A 127 -8.96 -14.78 -16.29
CA ASN A 127 -8.26 -15.71 -17.16
C ASN A 127 -8.25 -15.22 -18.61
N ALA A 128 -8.52 -13.95 -18.82
CA ALA A 128 -8.54 -13.39 -20.17
C ALA A 128 -7.15 -13.36 -20.82
N ARG A 129 -6.11 -13.28 -20.00
CA ARG A 129 -4.75 -13.14 -20.57
C ARG A 129 -4.28 -14.37 -21.34
N TRP A 130 -4.39 -15.54 -20.69
CA TRP A 130 -3.97 -16.80 -21.24
C TRP A 130 -5.16 -17.69 -21.71
N GLY A 131 -6.37 -17.27 -21.39
CA GLY A 131 -7.57 -17.87 -21.98
C GLY A 131 -8.35 -18.72 -20.98
N TYR A 132 -9.64 -18.79 -21.20
CA TYR A 132 -10.54 -19.65 -20.41
C TYR A 132 -10.66 -21.08 -20.96
N ARG A 133 -10.25 -21.28 -22.21
N ARG A 133 -10.25 -21.24 -22.22
CA ARG A 133 -10.33 -22.58 -22.91
CA ARG A 133 -10.32 -22.50 -22.98
C ARG A 133 -11.75 -23.03 -23.27
C ARG A 133 -11.74 -23.07 -23.27
N MET A 134 -12.58 -23.26 -22.26
CA MET A 134 -13.96 -23.63 -22.47
C MET A 134 -14.73 -23.52 -21.17
N GLY A 135 -16.02 -23.27 -21.24
CA GLY A 135 -16.91 -23.25 -20.08
C GLY A 135 -17.12 -21.88 -19.46
N ASN A 136 -18.30 -21.70 -18.85
CA ASN A 136 -18.61 -20.45 -18.21
C ASN A 136 -17.61 -20.21 -17.08
N ALA A 137 -17.41 -18.95 -16.74
CA ALA A 137 -16.48 -18.58 -15.65
C ALA A 137 -17.11 -17.44 -14.89
N LYS A 138 -16.38 -16.98 -13.87
CA LYS A 138 -16.81 -15.85 -13.08
C LYS A 138 -16.41 -14.49 -13.68
N PHE A 139 -17.39 -13.60 -13.79
CA PHE A 139 -17.14 -12.21 -14.11
C PHE A 139 -17.13 -11.61 -12.72
N VAL A 140 -15.94 -11.25 -12.27
CA VAL A 140 -15.70 -10.99 -10.87
C VAL A 140 -15.98 -9.53 -10.50
N ASP A 141 -16.82 -9.34 -9.48
CA ASP A 141 -17.06 -8.03 -8.94
C ASP A 141 -15.79 -7.71 -8.08
N GLU A 142 -14.99 -6.77 -8.55
CA GLU A 142 -13.73 -6.46 -7.83
C GLU A 142 -13.89 -5.78 -6.46
N MET A 143 -14.96 -5.03 -6.30
CA MET A 143 -15.29 -4.40 -5.01
C MET A 143 -15.50 -5.46 -3.99
N ILE A 144 -16.29 -6.45 -4.30
CA ILE A 144 -16.52 -7.57 -3.32
C ILE A 144 -15.26 -8.36 -3.04
N THR A 145 -14.56 -8.73 -4.09
CA THR A 145 -13.38 -9.55 -3.94
C THR A 145 -12.23 -8.85 -3.19
N ASP A 146 -11.93 -7.63 -3.56
CA ASP A 146 -10.78 -6.95 -2.98
C ASP A 146 -11.13 -6.20 -1.71
N GLY A 147 -12.40 -5.90 -1.51
CA GLY A 147 -12.81 -5.09 -0.39
C GLY A 147 -13.64 -5.72 0.68
N LEU A 148 -14.48 -6.68 0.31
CA LEU A 148 -15.51 -7.20 1.20
C LEU A 148 -15.53 -8.69 1.51
N TRP A 149 -14.66 -9.46 0.88
CA TRP A 149 -14.73 -10.91 0.97
C TRP A 149 -13.61 -11.47 1.82
N ASP A 150 -13.95 -12.32 2.79
CA ASP A 150 -12.93 -12.92 3.65
C ASP A 150 -12.12 -13.95 2.85
N ALA A 151 -10.83 -13.64 2.64
CA ALA A 151 -10.04 -14.43 1.70
C ALA A 151 -9.80 -15.89 2.19
N PHE A 152 -9.79 -16.06 3.51
CA PHE A 152 -9.55 -17.36 4.20
C PHE A 152 -10.83 -18.20 4.35
N ASN A 153 -11.87 -17.61 4.90
CA ASN A 153 -13.11 -18.36 5.16
C ASN A 153 -14.00 -18.47 3.98
N ASP A 154 -13.68 -17.71 2.93
CA ASP A 154 -14.45 -17.74 1.73
C ASP A 154 -15.92 -17.43 1.97
N TYR A 155 -16.16 -16.34 2.71
CA TYR A 155 -17.47 -15.75 2.74
C TYR A 155 -17.44 -14.24 2.94
N HIS A 156 -18.62 -13.61 2.82
CA HIS A 156 -18.72 -12.13 2.95
C HIS A 156 -18.37 -11.69 4.36
N MET A 157 -17.76 -10.50 4.47
CA MET A 157 -17.56 -9.86 5.80
C MET A 157 -18.84 -9.83 6.66
N GLY A 158 -19.99 -9.77 5.97
CA GLY A 158 -21.31 -9.79 6.63
C GLY A 158 -21.50 -11.07 7.46
N ILE A 159 -20.92 -12.15 7.01
CA ILE A 159 -20.99 -13.40 7.79
C ILE A 159 -20.16 -13.35 9.05
N THR A 160 -19.01 -12.67 9.02
CA THR A 160 -18.27 -12.47 10.27
C THR A 160 -19.14 -11.71 11.29
N ALA A 161 -19.86 -10.71 10.78
CA ALA A 161 -20.69 -9.87 11.67
C ALA A 161 -21.81 -10.73 12.27
N GLU A 162 -22.35 -11.65 11.47
CA GLU A 162 -23.42 -12.53 11.98
C GLU A 162 -22.80 -13.40 13.05
N ASN A 163 -21.59 -13.90 12.82
CA ASN A 163 -20.94 -14.72 13.85
C ASN A 163 -20.65 -13.95 15.12
N ILE A 164 -20.24 -12.70 14.99
CA ILE A 164 -20.03 -11.86 16.17
C ILE A 164 -21.35 -11.60 16.90
N ALA A 165 -22.42 -11.29 16.15
CA ALA A 165 -23.73 -11.19 16.80
C ALA A 165 -24.04 -12.44 17.62
N GLU A 166 -23.92 -13.63 17.02
CA GLU A 166 -24.20 -14.86 17.79
C GLU A 166 -23.29 -15.01 18.98
N ARG A 167 -21.99 -14.82 18.76
CA ARG A 167 -21.01 -15.05 19.81
C ARG A 167 -21.27 -14.14 21.00
N TRP A 168 -21.35 -12.83 20.79
CA TRP A 168 -21.68 -11.89 21.87
C TRP A 168 -23.20 -11.87 22.25
N ASN A 169 -24.02 -12.66 21.58
CA ASN A 169 -25.47 -12.68 21.77
C ASN A 169 -26.14 -11.30 21.62
N ILE A 170 -25.91 -10.68 20.46
CA ILE A 170 -26.45 -9.38 20.20
C ILE A 170 -27.66 -9.58 19.28
N SER A 171 -28.86 -9.18 19.75
CA SER A 171 -30.08 -9.47 19.03
C SER A 171 -30.30 -8.52 17.87
N ARG A 172 -31.19 -8.91 16.99
CA ARG A 172 -31.69 -8.06 15.91
C ARG A 172 -32.18 -6.75 16.49
N GLU A 173 -32.96 -6.81 17.58
CA GLU A 173 -33.51 -5.58 18.14
C GLU A 173 -32.45 -4.62 18.64
N GLU A 174 -31.47 -5.13 19.35
CA GLU A 174 -30.33 -4.33 19.85
C GLU A 174 -29.56 -3.67 18.68
N GLN A 175 -29.31 -4.45 17.64
CA GLN A 175 -28.68 -3.92 16.40
C GLN A 175 -29.47 -2.82 15.72
N ASP A 176 -30.79 -2.99 15.58
CA ASP A 176 -31.64 -1.99 14.97
C ASP A 176 -31.79 -0.73 15.82
N GLU A 177 -31.86 -0.89 17.15
CA GLU A 177 -31.87 0.31 18.02
C GLU A 177 -30.57 1.11 17.91
N PHE A 178 -29.47 0.40 17.82
CA PHE A 178 -28.16 1.04 17.65
C PHE A 178 -28.18 1.77 16.30
N ALA A 179 -28.63 1.10 15.25
CA ALA A 179 -28.75 1.76 13.95
C ALA A 179 -29.61 2.96 13.96
N LEU A 180 -30.80 2.88 14.61
CA LEU A 180 -31.67 4.02 14.63
C LEU A 180 -31.00 5.22 15.35
N ALA A 181 -30.28 4.95 16.43
CA ALA A 181 -29.60 6.02 17.20
C ALA A 181 -28.51 6.68 16.28
N SER A 182 -27.83 5.86 15.47
CA SER A 182 -26.80 6.42 14.53
C SER A 182 -27.48 7.33 13.53
N GLN A 183 -28.61 6.86 13.03
CA GLN A 183 -29.39 7.63 12.06
C GLN A 183 -29.83 8.97 12.64
N LYS A 184 -30.34 8.92 13.85
CA LYS A 184 -30.86 10.15 14.47
C LYS A 184 -29.76 11.15 14.75
N LYS A 185 -28.65 10.64 15.26
CA LYS A 185 -27.51 11.51 15.60
C LYS A 185 -26.96 12.10 14.30
N ALA A 186 -26.91 11.32 13.24
CA ALA A 186 -26.42 11.86 11.96
C ALA A 186 -27.32 12.96 11.40
N GLU A 187 -28.64 12.73 11.45
CA GLU A 187 -29.59 13.69 11.00
C GLU A 187 -29.44 15.02 11.79
N GLU A 188 -29.42 14.98 13.11
N GLU A 188 -29.36 14.90 13.09
CA GLU A 188 -29.27 16.25 13.84
CA GLU A 188 -29.24 16.06 13.96
C GLU A 188 -27.92 16.84 13.52
C GLU A 188 -27.91 16.79 13.77
N ALA A 189 -26.84 16.02 13.53
CA ALA A 189 -25.53 16.61 13.22
C ALA A 189 -25.48 17.36 11.87
N ILE A 190 -26.01 16.76 10.84
CA ILE A 190 -26.04 17.40 9.54
C ILE A 190 -26.82 18.69 9.62
N LYS A 191 -28.02 18.59 10.17
CA LYS A 191 -28.92 19.75 10.21
C LYS A 191 -28.40 20.83 11.10
N SER A 192 -27.60 20.48 12.11
CA SER A 192 -27.03 21.49 12.98
C SER A 192 -25.63 21.95 12.56
N GLY A 193 -25.21 21.54 11.38
CA GLY A 193 -23.95 22.02 10.83
C GLY A 193 -22.66 21.43 11.36
N GLN A 194 -22.72 20.28 12.04
CA GLN A 194 -21.55 19.78 12.71
C GLN A 194 -20.48 19.38 11.71
N PHE A 195 -20.85 19.09 10.47
CA PHE A 195 -19.89 18.67 9.44
C PHE A 195 -19.46 19.80 8.51
N LYS A 196 -19.99 21.00 8.71
CA LYS A 196 -19.67 22.07 7.75
C LYS A 196 -18.17 22.45 7.69
N ASP A 197 -17.47 22.46 8.80
CA ASP A 197 -16.09 22.80 8.86
C ASP A 197 -15.24 21.73 8.10
N GLU A 198 -15.58 20.46 8.30
CA GLU A 198 -14.67 19.40 7.84
C GLU A 198 -14.89 19.05 6.36
N ILE A 199 -16.04 19.33 5.77
CA ILE A 199 -16.35 18.88 4.39
C ILE A 199 -15.86 19.94 3.36
N VAL A 200 -15.09 19.49 2.42
CA VAL A 200 -14.72 20.28 1.25
C VAL A 200 -15.70 19.90 0.14
N PRO A 201 -16.26 20.90 -0.54
CA PRO A 201 -17.14 20.61 -1.67
C PRO A 201 -16.41 19.97 -2.84
N VAL A 202 -17.11 19.08 -3.52
CA VAL A 202 -16.67 18.48 -4.75
C VAL A 202 -17.45 19.09 -5.92
N VAL A 203 -16.75 19.66 -6.91
CA VAL A 203 -17.39 20.36 -8.03
C VAL A 203 -17.34 19.48 -9.26
N ILE A 204 -18.48 19.07 -9.77
CA ILE A 204 -18.50 18.16 -10.90
C ILE A 204 -18.93 19.00 -12.11
N LYS A 205 -18.00 19.19 -13.01
CA LYS A 205 -18.22 20.05 -14.15
C LYS A 205 -18.69 19.15 -15.28
N GLY A 206 -19.96 19.26 -15.66
CA GLY A 206 -20.44 18.55 -16.84
C GLY A 206 -19.99 19.22 -18.13
N ARG A 207 -20.32 18.59 -19.26
CA ARG A 207 -20.25 19.29 -20.53
C ARG A 207 -21.16 20.53 -20.47
N LYS A 208 -22.34 20.39 -19.84
CA LYS A 208 -23.40 21.43 -19.83
C LYS A 208 -23.63 22.21 -18.53
N GLY A 209 -23.32 21.63 -17.37
CA GLY A 209 -23.44 22.37 -16.11
C GLY A 209 -22.38 22.05 -15.07
N GLU A 210 -22.54 22.64 -13.89
CA GLU A 210 -21.77 22.26 -12.70
C GLU A 210 -22.70 21.78 -11.60
N THR A 211 -22.28 20.74 -10.87
CA THR A 211 -23.04 20.22 -9.71
C THR A 211 -22.06 20.31 -8.53
N VAL A 212 -22.53 20.77 -7.38
CA VAL A 212 -21.69 20.82 -6.23
C VAL A 212 -22.18 19.79 -5.25
N VAL A 213 -21.30 18.93 -4.77
CA VAL A 213 -21.67 17.92 -3.79
C VAL A 213 -20.99 18.25 -2.48
N ASP A 214 -21.76 18.63 -1.48
CA ASP A 214 -21.17 18.98 -0.20
C ASP A 214 -21.88 18.44 1.03
N THR A 215 -22.80 17.51 0.83
CA THR A 215 -23.53 16.96 1.95
C THR A 215 -23.52 15.44 1.89
N ASP A 216 -23.40 14.82 3.04
CA ASP A 216 -23.39 13.38 3.12
C ASP A 216 -24.74 12.88 2.69
N GLU A 217 -24.74 11.90 1.79
CA GLU A 217 -25.94 11.46 1.12
C GLU A 217 -26.58 10.26 1.76
N HIS A 218 -25.81 9.47 2.50
CA HIS A 218 -26.23 8.13 2.86
C HIS A 218 -27.32 8.08 3.98
N PRO A 219 -27.35 9.07 4.91
CA PRO A 219 -28.31 8.96 5.95
C PRO A 219 -29.76 8.87 5.47
N ARG A 220 -30.55 8.10 6.22
CA ARG A 220 -31.98 7.96 5.93
C ARG A 220 -32.77 8.75 6.98
N PHE A 221 -33.08 10.00 6.63
CA PHE A 221 -33.74 10.92 7.57
C PHE A 221 -35.14 10.37 7.85
N GLY A 222 -35.60 10.52 9.05
CA GLY A 222 -36.91 9.96 9.44
C GLY A 222 -36.93 8.46 9.58
N SER A 223 -35.77 7.86 9.81
CA SER A 223 -35.73 6.42 10.07
C SER A 223 -36.59 6.09 11.28
N THR A 224 -37.21 4.90 11.30
CA THR A 224 -37.96 4.43 12.47
C THR A 224 -37.62 3.00 12.80
N ILE A 225 -37.82 2.64 14.04
CA ILE A 225 -37.57 1.29 14.44
C ILE A 225 -38.49 0.30 13.68
N GLU A 226 -39.74 0.67 13.40
CA GLU A 226 -40.62 -0.21 12.62
C GLU A 226 -40.06 -0.44 11.21
N GLY A 227 -39.51 0.61 10.60
CA GLY A 227 -38.97 0.53 9.26
C GLY A 227 -37.81 -0.44 9.27
N LEU A 228 -37.00 -0.40 10.33
CA LEU A 228 -35.82 -1.23 10.44
C LEU A 228 -36.25 -2.66 10.73
N ALA A 229 -37.26 -2.82 11.62
CA ALA A 229 -37.73 -4.14 12.00
C ALA A 229 -38.30 -4.96 10.79
N LYS A 230 -38.84 -4.31 9.78
CA LYS A 230 -39.35 -4.99 8.57
C LYS A 230 -38.28 -5.53 7.62
N LEU A 231 -37.05 -5.02 7.73
CA LEU A 231 -36.05 -5.36 6.75
C LEU A 231 -35.71 -6.84 6.75
N LYS A 232 -35.41 -7.32 5.55
CA LYS A 232 -34.96 -8.68 5.34
C LYS A 232 -33.46 -8.83 5.64
N PRO A 233 -33.05 -9.99 6.17
CA PRO A 233 -31.62 -10.22 6.40
C PRO A 233 -30.82 -10.19 5.08
N ALA A 234 -29.58 -9.65 5.17
CA ALA A 234 -28.75 -9.35 4.02
C ALA A 234 -27.87 -10.52 3.62
N PHE A 235 -27.49 -11.37 4.59
CA PHE A 235 -26.36 -12.30 4.41
C PHE A 235 -26.68 -13.73 4.58
N LYS A 236 -27.69 -14.02 5.38
CA LYS A 236 -28.10 -15.38 5.51
C LYS A 236 -29.59 -15.48 5.90
N LYS A 237 -30.16 -16.62 5.56
CA LYS A 237 -31.49 -16.93 6.00
C LYS A 237 -31.58 -16.79 7.52
N ASP A 238 -32.61 -16.09 7.95
CA ASP A 238 -32.86 -15.85 9.37
C ASP A 238 -31.72 -15.08 10.07
N GLY A 239 -30.89 -14.40 9.30
CA GLY A 239 -29.87 -13.54 9.89
C GLY A 239 -30.40 -12.34 10.67
N THR A 240 -29.53 -11.77 11.54
CA THR A 240 -29.84 -10.55 12.30
C THR A 240 -29.35 -9.29 11.57
N VAL A 241 -28.42 -9.47 10.63
CA VAL A 241 -27.78 -8.33 9.95
C VAL A 241 -28.58 -8.01 8.71
N THR A 242 -28.94 -6.75 8.56
CA THR A 242 -29.70 -6.28 7.40
C THR A 242 -29.01 -5.08 6.78
N ALA A 243 -29.53 -4.61 5.66
CA ALA A 243 -29.02 -3.40 5.03
C ALA A 243 -29.23 -2.18 6.00
N GLY A 244 -30.16 -2.31 6.96
CA GLY A 244 -30.46 -1.28 7.87
C GLY A 244 -29.64 -1.17 9.12
N ASN A 245 -28.97 -2.23 9.50
CA ASN A 245 -28.08 -2.21 10.64
C ASN A 245 -26.62 -2.51 10.27
N ALA A 246 -26.30 -2.24 8.99
CA ALA A 246 -24.94 -2.32 8.49
C ALA A 246 -24.70 -1.10 7.62
N SER A 247 -23.43 -0.79 7.40
CA SER A 247 -23.11 0.34 6.60
C SER A 247 -23.32 0.03 5.13
N GLY A 248 -23.03 0.97 4.27
CA GLY A 248 -23.25 0.80 2.85
C GLY A 248 -21.94 0.62 2.10
N LEU A 249 -22.01 0.93 0.83
CA LEU A 249 -20.96 0.92 -0.11
C LEU A 249 -20.89 2.36 -0.55
N ASN A 250 -19.74 2.99 -0.35
CA ASN A 250 -19.70 4.45 -0.39
C ASN A 250 -18.40 5.02 -0.89
N ASP A 251 -18.44 6.28 -1.26
CA ASP A 251 -17.36 6.99 -1.94
C ASP A 251 -16.94 8.24 -1.13
N CYS A 252 -15.64 8.48 -0.93
CA CYS A 252 -15.16 9.56 -0.10
C CYS A 252 -13.66 9.65 -0.19
N ALA A 253 -13.13 10.83 0.06
CA ALA A 253 -11.73 10.97 0.46
C ALA A 253 -11.63 11.79 1.73
N ALA A 254 -10.67 11.46 2.58
CA ALA A 254 -10.42 12.14 3.85
C ALA A 254 -8.90 12.24 4.03
N VAL A 255 -8.41 13.49 4.26
CA VAL A 255 -6.99 13.75 4.29
C VAL A 255 -6.69 14.62 5.47
N LEU A 256 -5.53 14.37 6.09
CA LEU A 256 -5.03 15.16 7.19
C LEU A 256 -3.59 15.55 6.86
N VAL A 257 -3.24 16.74 7.33
CA VAL A 257 -1.86 17.19 7.36
C VAL A 257 -1.26 16.87 8.73
N ILE A 258 -0.28 15.98 8.74
CA ILE A 258 0.40 15.48 9.97
C ILE A 258 1.79 16.14 9.99
N MET A 259 2.17 16.75 11.11
CA MET A 259 3.49 17.47 11.21
C MET A 259 4.12 17.20 12.54
N SER A 260 5.45 17.32 12.62
CA SER A 260 6.08 17.43 13.93
C SER A 260 5.55 18.69 14.61
N ALA A 261 5.48 18.64 15.93
CA ALA A 261 5.16 19.89 16.69
C ALA A 261 6.10 21.05 16.39
N GLU A 262 7.38 20.71 16.25
CA GLU A 262 8.43 21.66 15.98
C GLU A 262 8.25 22.35 14.67
N LYS A 263 7.95 21.61 13.61
CA LYS A 263 7.65 22.23 12.34
C LYS A 263 6.39 23.04 12.35
N ALA A 264 5.35 22.56 13.03
CA ALA A 264 4.14 23.33 13.10
C ALA A 264 4.41 24.72 13.73
N LYS A 265 5.21 24.74 14.79
CA LYS A 265 5.61 26.01 15.47
C LYS A 265 6.37 26.91 14.48
N GLU A 266 7.33 26.32 13.79
CA GLU A 266 8.16 27.01 12.82
C GLU A 266 7.31 27.62 11.72
N LEU A 267 6.23 26.94 11.30
CA LEU A 267 5.41 27.42 10.15
C LEU A 267 4.23 28.32 10.57
N GLY A 268 4.08 28.58 11.88
CA GLY A 268 2.95 29.37 12.40
C GLY A 268 1.59 28.66 12.40
N VAL A 269 1.60 27.32 12.39
CA VAL A 269 0.39 26.53 12.27
C VAL A 269 -0.12 26.32 13.67
N LYS A 270 -1.42 26.47 13.85
CA LYS A 270 -2.04 26.17 15.12
C LYS A 270 -2.64 24.73 15.05
N PRO A 271 -2.01 23.79 15.73
CA PRO A 271 -2.46 22.42 15.51
C PRO A 271 -3.78 22.13 16.18
N LEU A 272 -4.55 21.22 15.60
CA LEU A 272 -5.84 20.78 16.11
C LEU A 272 -5.78 19.82 17.28
N ALA A 273 -4.80 18.93 17.23
CA ALA A 273 -4.65 17.89 18.23
C ALA A 273 -3.29 17.28 18.12
N LYS A 274 -2.86 16.60 19.18
CA LYS A 274 -1.64 15.84 19.11
C LYS A 274 -1.95 14.37 19.08
N ILE A 275 -1.13 13.62 18.39
CA ILE A 275 -1.33 12.20 18.28
C ILE A 275 -0.57 11.64 19.45
N VAL A 276 -1.29 11.08 20.42
CA VAL A 276 -0.67 10.61 21.66
C VAL A 276 -0.18 9.16 21.52
N SER A 277 -0.94 8.32 20.84
CA SER A 277 -0.58 6.91 20.71
C SER A 277 -1.45 6.29 19.62
N TYR A 278 -1.15 5.05 19.24
CA TYR A 278 -1.80 4.36 18.12
C TYR A 278 -1.55 2.88 18.31
N GLY A 279 -2.43 2.07 17.74
CA GLY A 279 -2.36 0.62 17.88
C GLY A 279 -1.07 -0.05 17.45
N SER A 280 -0.40 0.47 16.45
CA SER A 280 0.97 -0.02 16.11
C SER A 280 1.97 0.38 17.26
N ALA A 281 2.71 -0.58 17.84
CA ALA A 281 3.57 -0.31 19.03
C ALA A 281 4.08 -1.61 19.64
N GLY A 291 -9.08 -10.06 25.46
CA GLY A 291 -10.10 -10.12 24.43
C GLY A 291 -9.50 -9.89 23.04
N PRO A 292 -10.38 -9.80 22.03
CA PRO A 292 -10.01 -9.68 20.61
C PRO A 292 -9.92 -8.22 20.13
N PHE A 293 -10.08 -7.25 21.06
CA PHE A 293 -10.00 -5.80 20.75
C PHE A 293 -8.79 -5.22 21.39
N TYR A 294 -7.76 -6.04 21.51
CA TYR A 294 -6.59 -5.64 22.20
C TYR A 294 -5.83 -4.54 21.45
N ALA A 295 -5.97 -4.32 20.13
CA ALA A 295 -5.30 -3.10 19.54
C ALA A 295 -5.83 -1.82 20.15
N THR A 296 -7.14 -1.75 20.32
CA THR A 296 -7.73 -0.59 20.90
C THR A 296 -7.33 -0.46 22.37
N LYS A 297 -7.44 -1.54 23.13
CA LYS A 297 -7.03 -1.53 24.54
C LYS A 297 -5.58 -1.16 24.70
N ALA A 298 -4.72 -1.69 23.83
CA ALA A 298 -3.30 -1.43 23.88
C ALA A 298 -2.95 0.05 23.55
N ALA A 299 -3.63 0.62 22.58
CA ALA A 299 -3.37 2.02 22.22
C ALA A 299 -3.75 2.92 23.45
N ILE A 300 -4.85 2.61 24.11
CA ILE A 300 -5.37 3.43 25.23
C ILE A 300 -4.34 3.41 26.34
N GLU A 301 -3.88 2.21 26.65
CA GLU A 301 -2.85 1.95 27.65
C GLU A 301 -1.56 2.66 27.32
N LYS A 302 -1.14 2.61 26.06
CA LYS A 302 0.05 3.30 25.61
C LYS A 302 -0.04 4.82 25.77
N ALA A 303 -1.24 5.35 25.65
CA ALA A 303 -1.48 6.76 25.91
C ALA A 303 -1.36 7.10 27.39
N GLY A 304 -1.36 6.08 28.25
CA GLY A 304 -1.46 6.30 29.67
C GLY A 304 -2.86 6.69 30.13
N TRP A 305 -3.86 6.35 29.32
CA TRP A 305 -5.23 6.68 29.61
C TRP A 305 -6.09 5.47 29.95
N THR A 306 -7.37 5.71 30.16
CA THR A 306 -8.35 4.69 30.43
C THR A 306 -9.59 5.05 29.63
N VAL A 307 -10.50 4.10 29.42
CA VAL A 307 -11.72 4.36 28.66
C VAL A 307 -12.58 5.43 29.34
N ASP A 308 -12.63 5.41 30.67
CA ASP A 308 -13.42 6.37 31.43
C ASP A 308 -12.92 7.79 31.21
N GLU A 309 -11.63 7.94 31.00
CA GLU A 309 -11.01 9.24 30.76
C GLU A 309 -11.38 9.89 29.43
N LEU A 310 -11.70 9.08 28.44
CA LEU A 310 -12.01 9.62 27.12
C LEU A 310 -13.20 10.57 27.07
N ASP A 311 -13.11 11.63 26.27
CA ASP A 311 -14.20 12.55 26.16
C ASP A 311 -15.10 12.26 24.94
N LEU A 312 -14.47 11.86 23.83
CA LEU A 312 -15.18 11.49 22.64
C LEU A 312 -14.55 10.26 22.00
N ILE A 313 -15.40 9.42 21.41
CA ILE A 313 -14.97 8.18 20.79
C ILE A 313 -15.63 8.06 19.43
N GLU A 314 -14.83 7.77 18.42
CA GLU A 314 -15.36 7.38 17.14
C GLU A 314 -15.02 5.91 17.00
N SER A 315 -16.03 5.08 17.00
CA SER A 315 -15.86 3.66 16.84
C SER A 315 -16.70 3.27 15.62
N ASN A 316 -16.06 2.79 14.57
CA ASN A 316 -16.70 2.70 13.28
C ASN A 316 -17.85 1.71 13.28
N GLU A 317 -18.84 1.94 12.42
CA GLU A 317 -20.03 1.10 12.43
C GLU A 317 -20.16 0.40 11.07
N ALA A 318 -19.23 -0.49 10.78
CA ALA A 318 -19.37 -1.31 9.58
C ALA A 318 -20.62 -2.15 9.74
N PHE A 319 -20.75 -2.75 10.92
CA PHE A 319 -21.92 -3.50 11.30
C PHE A 319 -22.31 -3.18 12.74
N ALA A 320 -23.58 -2.98 12.98
CA ALA A 320 -24.05 -2.66 14.35
C ALA A 320 -23.62 -3.76 15.28
N ALA A 321 -23.71 -4.97 14.82
CA ALA A 321 -23.30 -6.12 15.69
C ALA A 321 -21.84 -6.00 16.15
N GLN A 322 -20.93 -5.56 15.27
CA GLN A 322 -19.49 -5.35 15.65
C GLN A 322 -19.25 -4.16 16.60
N SER A 323 -19.88 -3.02 16.29
CA SER A 323 -19.87 -1.84 17.07
C SER A 323 -20.33 -2.13 18.49
N LEU A 324 -21.43 -2.86 18.60
CA LEU A 324 -21.95 -3.24 19.94
C LEU A 324 -21.02 -4.19 20.72
N ALA A 325 -20.41 -5.11 20.02
CA ALA A 325 -19.47 -6.02 20.70
C ALA A 325 -18.24 -5.31 21.25
N VAL A 326 -17.68 -4.40 20.45
CA VAL A 326 -16.58 -3.60 20.92
C VAL A 326 -17.01 -2.74 22.11
N ALA A 327 -18.18 -2.12 22.01
CA ALA A 327 -18.63 -1.21 23.05
C ALA A 327 -18.93 -1.93 24.39
N LYS A 328 -19.48 -3.13 24.33
N LYS A 328 -19.49 -3.13 24.31
CA LYS A 328 -19.73 -3.91 25.53
CA LYS A 328 -19.74 -3.94 25.51
C LYS A 328 -18.38 -4.34 26.15
C LYS A 328 -18.39 -4.35 26.14
N ASP A 329 -17.48 -4.86 25.32
CA ASP A 329 -16.22 -5.35 25.82
C ASP A 329 -15.41 -4.24 26.48
N LEU A 330 -15.32 -3.10 25.80
CA LEU A 330 -14.53 -1.98 26.34
C LEU A 330 -15.28 -1.10 27.32
N LYS A 331 -16.56 -1.36 27.50
CA LYS A 331 -17.41 -0.60 28.40
C LYS A 331 -17.47 0.88 28.10
N PHE A 332 -17.61 1.23 26.82
CA PHE A 332 -17.73 2.66 26.44
C PHE A 332 -18.99 3.27 27.00
N ASP A 333 -18.91 4.53 27.42
CA ASP A 333 -20.10 5.31 27.66
C ASP A 333 -20.67 5.72 26.33
N MET A 334 -21.85 5.21 25.96
CA MET A 334 -22.36 5.38 24.60
C MET A 334 -22.76 6.81 24.31
N ASN A 335 -22.92 7.65 25.32
CA ASN A 335 -23.19 9.07 25.07
C ASN A 335 -22.01 9.79 24.45
N LYS A 336 -20.83 9.23 24.50
CA LYS A 336 -19.63 9.85 23.98
C LYS A 336 -19.20 9.20 22.68
N VAL A 337 -19.98 8.23 22.22
CA VAL A 337 -19.64 7.44 21.04
C VAL A 337 -20.39 7.93 19.79
N ASN A 338 -19.59 8.18 18.73
CA ASN A 338 -20.18 8.57 17.48
C ASN A 338 -21.23 9.66 17.64
N VAL A 339 -20.82 10.77 18.20
CA VAL A 339 -21.78 11.80 18.64
C VAL A 339 -22.55 12.47 17.51
N ASN A 340 -21.96 12.51 16.32
CA ASN A 340 -22.56 13.09 15.15
C ASN A 340 -23.07 11.97 14.20
N GLY A 341 -23.30 10.79 14.72
CA GLY A 341 -23.65 9.64 13.87
C GLY A 341 -22.44 8.83 13.43
N GLY A 342 -22.70 7.58 13.07
CA GLY A 342 -21.67 6.66 12.55
C GLY A 342 -21.93 6.14 11.19
N ALA A 343 -21.12 5.14 10.82
CA ALA A 343 -21.09 4.60 9.47
C ALA A 343 -22.42 3.99 9.01
N ILE A 344 -23.28 3.51 9.92
CA ILE A 344 -24.57 3.00 9.44
C ILE A 344 -25.34 4.07 8.73
N ALA A 345 -25.32 5.27 9.29
CA ALA A 345 -25.96 6.40 8.69
C ALA A 345 -25.08 7.00 7.57
N LEU A 346 -23.81 7.18 7.87
CA LEU A 346 -22.93 8.08 7.06
C LEU A 346 -22.21 7.36 5.89
N GLY A 347 -22.03 6.06 6.01
CA GLY A 347 -21.34 5.28 5.00
C GLY A 347 -19.95 4.80 5.35
N HIS A 348 -19.47 3.81 4.59
CA HIS A 348 -18.22 3.13 4.87
C HIS A 348 -17.34 3.03 3.63
N PRO A 349 -16.71 4.23 3.27
CA PRO A 349 -15.89 4.13 2.06
C PRO A 349 -14.51 3.58 2.43
N ILE A 350 -14.28 2.30 2.15
CA ILE A 350 -13.40 1.49 2.95
C ILE A 350 -11.99 2.05 3.09
N GLY A 351 -11.35 2.43 2.00
CA GLY A 351 -10.01 2.95 2.05
C GLY A 351 -9.87 4.25 2.82
N ALA A 352 -10.92 5.07 2.74
CA ALA A 352 -10.95 6.37 3.39
C ALA A 352 -11.57 6.37 4.78
N SER A 353 -12.23 5.28 5.15
CA SER A 353 -13.08 5.29 6.32
C SER A 353 -12.38 5.58 7.65
N GLY A 354 -11.20 5.03 7.84
CA GLY A 354 -10.43 5.29 9.04
C GLY A 354 -10.00 6.74 9.15
N ALA A 355 -9.58 7.31 8.04
CA ALA A 355 -9.25 8.70 8.02
C ALA A 355 -10.47 9.57 8.21
N ARG A 356 -11.62 9.13 7.68
CA ARG A 356 -12.85 9.91 7.76
C ARG A 356 -13.26 10.00 9.21
N ILE A 357 -13.28 8.89 9.97
CA ILE A 357 -13.62 9.03 11.33
C ILE A 357 -12.59 9.85 12.17
N LEU A 358 -11.32 9.89 11.77
CA LEU A 358 -10.35 10.72 12.43
C LEU A 358 -10.67 12.21 12.21
N VAL A 359 -10.99 12.55 10.95
CA VAL A 359 -11.43 13.89 10.55
C VAL A 359 -12.67 14.34 11.37
N THR A 360 -13.64 13.42 11.51
CA THR A 360 -14.81 13.70 12.27
C THR A 360 -14.47 13.84 13.75
N LEU A 361 -13.62 12.98 14.29
CA LEU A 361 -13.24 13.08 15.72
C LEU A 361 -12.59 14.41 16.00
N VAL A 362 -11.62 14.79 15.14
CA VAL A 362 -10.88 15.94 15.49
C VAL A 362 -11.69 17.27 15.46
N HIS A 363 -12.63 17.37 14.55
CA HIS A 363 -13.49 18.53 14.43
C HIS A 363 -14.50 18.55 15.55
N ALA A 364 -14.97 17.39 15.91
CA ALA A 364 -15.88 17.28 17.02
C ALA A 364 -15.22 17.67 18.34
N MET A 365 -13.98 17.27 18.53
CA MET A 365 -13.19 17.64 19.72
C MET A 365 -13.04 19.19 19.82
N GLN A 366 -12.73 19.81 18.70
N GLN A 366 -12.69 19.82 18.71
CA GLN A 366 -12.61 21.26 18.63
CA GLN A 366 -12.63 21.30 18.65
C GLN A 366 -13.93 21.99 18.93
C GLN A 366 -13.97 21.91 19.06
N LYS A 367 -15.03 21.50 18.39
CA LYS A 367 -16.32 22.10 18.60
C LYS A 367 -16.87 21.89 19.94
N ARG A 368 -16.57 20.77 20.57
CA ARG A 368 -17.18 20.44 21.83
C ARG A 368 -16.25 20.65 22.99
N ASP A 369 -15.06 21.17 22.73
CA ASP A 369 -14.02 21.27 23.70
C ASP A 369 -13.77 19.98 24.45
N ALA A 370 -13.52 18.91 23.70
CA ALA A 370 -13.28 17.64 24.37
C ALA A 370 -11.79 17.43 24.29
N LYS A 371 -11.15 17.17 25.41
CA LYS A 371 -9.69 16.99 25.46
C LYS A 371 -9.12 15.67 24.90
N LYS A 372 -9.74 14.55 25.28
CA LYS A 372 -9.28 13.24 24.96
C LYS A 372 -10.19 12.53 23.96
N GLY A 373 -9.57 12.10 22.85
CA GLY A 373 -10.32 11.37 21.83
C GLY A 373 -9.74 10.06 21.43
N LEU A 374 -10.64 9.12 21.04
CA LEU A 374 -10.26 7.83 20.48
C LEU A 374 -10.94 7.63 19.14
N ALA A 375 -10.17 7.17 18.14
CA ALA A 375 -10.74 6.65 16.89
C ALA A 375 -10.32 5.17 16.78
N THR A 376 -11.28 4.31 16.59
CA THR A 376 -11.03 2.90 16.42
C THR A 376 -11.91 2.28 15.34
N LEU A 377 -11.32 1.38 14.54
CA LEU A 377 -12.09 0.59 13.60
C LEU A 377 -11.49 -0.77 13.22
N CYS A 378 -12.27 -1.60 12.54
CA CYS A 378 -11.87 -2.95 12.10
C CYS A 378 -11.86 -3.81 13.34
N ILE A 379 -11.98 -5.08 13.16
CA ILE A 379 -11.98 -5.99 14.34
C ILE A 379 -11.22 -7.24 13.90
N GLY A 380 -10.77 -8.03 14.87
CA GLY A 380 -10.04 -9.26 14.58
C GLY A 380 -8.53 -9.04 14.69
N GLY A 381 -7.83 -10.10 15.11
CA GLY A 381 -6.40 -10.02 15.37
C GLY A 381 -5.60 -9.41 14.21
N GLY A 382 -4.79 -8.41 14.56
CA GLY A 382 -3.93 -7.78 13.57
C GLY A 382 -4.60 -6.87 12.57
N GLN A 383 -5.92 -6.66 12.72
CA GLN A 383 -6.61 -5.74 11.79
C GLN A 383 -7.04 -4.44 12.46
N GLY A 384 -7.36 -4.50 13.76
CA GLY A 384 -7.81 -3.32 14.49
C GLY A 384 -6.85 -2.16 14.32
N THR A 385 -7.39 -0.94 14.10
CA THR A 385 -6.53 0.19 14.01
C THR A 385 -7.16 1.22 14.98
N ALA A 386 -6.30 1.92 15.73
CA ALA A 386 -6.77 2.89 16.72
C ALA A 386 -5.75 4.01 16.87
N ILE A 387 -6.23 5.22 17.13
CA ILE A 387 -5.43 6.35 17.42
C ILE A 387 -6.08 7.10 18.58
N LEU A 388 -5.22 7.62 19.47
CA LEU A 388 -5.61 8.52 20.55
C LEU A 388 -5.08 9.94 20.30
N LEU A 389 -5.98 10.91 20.46
CA LEU A 389 -5.73 12.32 20.18
C LEU A 389 -5.94 13.10 21.47
N GLU A 390 -5.12 14.13 21.65
CA GLU A 390 -5.33 15.09 22.75
C GLU A 390 -5.42 16.46 22.14
N LYS A 391 -6.49 17.19 22.45
CA LYS A 391 -6.73 18.48 21.85
C LYS A 391 -5.64 19.45 22.23
N CYS A 392 -5.21 20.25 21.25
CA CYS A 392 -4.23 21.29 21.53
C CYS A 392 -5.02 22.44 22.16
N LEU A 393 -4.48 23.02 23.24
CA LEU A 393 -5.20 23.98 24.09
C LEU A 393 -5.52 25.30 23.39
N MET B 1 19.48 7.05 16.96
CA MET B 1 18.48 6.06 17.50
C MET B 1 18.93 4.62 17.11
N LYS B 2 18.02 3.66 17.09
CA LYS B 2 18.38 2.28 16.82
C LYS B 2 19.13 2.00 15.47
N GLU B 3 20.12 1.10 15.52
CA GLU B 3 20.69 0.54 14.30
C GLU B 3 19.72 -0.54 13.78
N VAL B 4 19.65 -0.62 12.45
CA VAL B 4 18.77 -1.55 11.75
C VAL B 4 19.56 -2.50 10.87
N VAL B 5 19.31 -3.80 11.01
CA VAL B 5 20.01 -4.85 10.28
C VAL B 5 19.10 -5.72 9.41
N ILE B 6 19.70 -6.37 8.39
CA ILE B 6 19.01 -7.42 7.62
C ILE B 6 19.43 -8.75 8.20
N ALA B 7 18.50 -9.46 8.82
CA ALA B 7 18.71 -10.83 9.30
C ALA B 7 18.78 -11.96 8.26
N SER B 8 17.95 -11.84 7.23
CA SER B 8 17.89 -12.83 6.18
C SER B 8 17.35 -12.18 4.93
N ALA B 9 17.63 -12.77 3.79
CA ALA B 9 17.17 -12.26 2.52
C ALA B 9 16.94 -13.40 1.56
N VAL B 10 15.69 -13.61 1.16
CA VAL B 10 15.34 -14.75 0.34
C VAL B 10 14.42 -14.35 -0.81
N ARG B 11 14.53 -15.03 -1.93
CA ARG B 11 13.63 -14.80 -3.03
C ARG B 11 13.30 -16.10 -3.72
N THR B 12 12.18 -16.13 -4.42
CA THR B 12 11.90 -17.17 -5.37
C THR B 12 12.72 -16.88 -6.61
N ALA B 13 12.87 -17.86 -7.47
CA ALA B 13 13.32 -17.69 -8.79
C ALA B 13 12.41 -16.68 -9.47
N ILE B 14 12.91 -16.04 -10.49
CA ILE B 14 12.11 -15.11 -11.28
C ILE B 14 11.61 -15.85 -12.53
N GLY B 15 10.29 -15.97 -12.64
CA GLY B 15 9.66 -16.62 -13.82
C GLY B 15 9.41 -15.68 -14.95
N SER B 16 9.36 -16.24 -16.17
CA SER B 16 9.04 -15.47 -17.34
C SER B 16 7.55 -15.45 -17.58
N TYR B 17 7.12 -14.46 -18.33
CA TYR B 17 5.72 -14.21 -18.60
C TYR B 17 4.99 -15.38 -19.17
N GLY B 18 4.01 -15.85 -18.42
CA GLY B 18 3.18 -16.95 -18.91
C GLY B 18 3.88 -18.28 -18.81
N LYS B 19 5.00 -18.36 -18.04
CA LYS B 19 5.75 -19.60 -17.96
C LYS B 19 5.80 -20.27 -16.62
N SER B 20 6.96 -20.38 -16.00
CA SER B 20 7.14 -21.37 -14.90
C SER B 20 6.33 -21.11 -13.66
N LEU B 21 5.99 -19.83 -13.40
CA LEU B 21 5.22 -19.50 -12.22
C LEU B 21 3.80 -19.02 -12.53
N LYS B 22 3.34 -19.29 -13.76
CA LYS B 22 2.02 -18.79 -14.22
C LYS B 22 0.92 -19.30 -13.35
N ASP B 23 1.13 -20.44 -12.72
CA ASP B 23 0.10 -21.03 -11.89
C ASP B 23 0.25 -20.78 -10.42
N VAL B 24 1.18 -19.89 -10.02
CA VAL B 24 1.43 -19.64 -8.62
C VAL B 24 1.10 -18.18 -8.25
N PRO B 25 -0.08 -17.94 -7.64
CA PRO B 25 -0.47 -16.57 -7.23
C PRO B 25 0.66 -15.84 -6.48
N ALA B 26 0.78 -14.54 -6.75
CA ALA B 26 1.71 -13.71 -6.00
C ALA B 26 1.74 -13.99 -4.47
N VAL B 27 0.59 -14.15 -3.87
CA VAL B 27 0.52 -14.35 -2.40
C VAL B 27 1.19 -15.64 -2.01
N ASP B 28 1.09 -16.67 -2.86
CA ASP B 28 1.79 -17.97 -2.60
C ASP B 28 3.31 -17.84 -2.81
N LEU B 29 3.75 -17.08 -3.80
CA LEU B 29 5.13 -16.79 -3.92
C LEU B 29 5.63 -16.06 -2.65
N GLY B 30 4.88 -15.01 -2.23
CA GLY B 30 5.17 -14.28 -1.05
C GLY B 30 5.22 -15.17 0.15
N ALA B 31 4.27 -16.09 0.27
CA ALA B 31 4.23 -16.97 1.45
C ALA B 31 5.46 -17.86 1.52
N THR B 32 5.84 -18.41 0.37
CA THR B 32 7.04 -19.28 0.27
C THR B 32 8.29 -18.53 0.74
N ALA B 33 8.44 -17.29 0.27
CA ALA B 33 9.66 -16.51 0.61
C ALA B 33 9.65 -16.08 2.08
N ILE B 34 8.47 -15.70 2.61
CA ILE B 34 8.33 -15.36 4.01
C ILE B 34 8.73 -16.54 4.90
N LYS B 35 8.21 -17.70 4.59
CA LYS B 35 8.44 -18.83 5.47
C LYS B 35 9.94 -19.13 5.55
N GLU B 36 10.59 -19.13 4.41
CA GLU B 36 12.01 -19.40 4.36
C GLU B 36 12.86 -18.26 4.94
N ALA B 37 12.40 -17.01 4.77
CA ALA B 37 13.19 -15.88 5.37
C ALA B 37 13.22 -16.02 6.88
N VAL B 38 12.08 -16.38 7.43
CA VAL B 38 11.97 -16.49 8.86
C VAL B 38 12.92 -17.63 9.34
N LYS B 39 12.90 -18.77 8.66
CA LYS B 39 13.82 -19.89 9.00
C LYS B 39 15.28 -19.49 8.91
N LYS B 40 15.62 -18.79 7.82
CA LYS B 40 16.98 -18.41 7.60
C LYS B 40 17.45 -17.42 8.61
N ALA B 41 16.56 -16.59 9.14
CA ALA B 41 16.98 -15.65 10.09
C ALA B 41 17.20 -16.32 11.45
N GLY B 42 16.59 -17.47 11.64
CA GLY B 42 16.71 -18.23 12.86
C GLY B 42 15.87 -17.67 13.98
N ILE B 43 14.68 -17.12 13.64
CA ILE B 43 13.80 -16.56 14.60
C ILE B 43 12.51 -17.34 14.48
N LYS B 44 11.61 -17.13 15.41
CA LYS B 44 10.36 -17.76 15.33
C LYS B 44 9.36 -16.86 14.65
N PRO B 45 8.38 -17.45 13.98
CA PRO B 45 7.34 -16.64 13.39
C PRO B 45 6.68 -15.71 14.37
N GLU B 46 6.50 -16.13 15.61
CA GLU B 46 5.93 -15.22 16.59
C GLU B 46 6.83 -14.06 17.07
N ASP B 47 8.11 -14.07 16.73
CA ASP B 47 8.99 -12.92 16.99
C ASP B 47 8.70 -11.78 16.00
N VAL B 48 7.90 -12.05 14.95
CA VAL B 48 7.65 -11.01 13.93
C VAL B 48 6.58 -10.04 14.41
N ASN B 49 6.85 -8.73 14.31
CA ASN B 49 5.93 -7.68 14.77
C ASN B 49 4.94 -7.15 13.66
N GLU B 50 5.40 -7.13 12.43
CA GLU B 50 4.60 -6.58 11.34
C GLU B 50 5.14 -7.07 10.00
N VAL B 51 4.25 -7.10 9.01
CA VAL B 51 4.55 -7.51 7.67
C VAL B 51 4.24 -6.38 6.71
N ILE B 52 5.20 -6.01 5.90
CA ILE B 52 5.01 -4.94 4.94
C ILE B 52 5.52 -5.39 3.60
N LEU B 53 4.63 -5.62 2.64
CA LEU B 53 5.03 -6.12 1.34
C LEU B 53 4.55 -5.29 0.17
N GLY B 54 5.42 -5.06 -0.78
CA GLY B 54 5.03 -4.41 -2.01
C GLY B 54 4.27 -5.34 -2.95
N ASN B 55 3.26 -4.81 -3.61
CA ASN B 55 2.54 -5.57 -4.62
C ASN B 55 1.81 -4.57 -5.48
N VAL B 56 2.04 -4.58 -6.79
CA VAL B 56 1.44 -3.58 -7.64
C VAL B 56 0.12 -3.97 -8.32
N LEU B 57 0.10 -5.16 -8.90
CA LEU B 57 -1.07 -5.62 -9.60
C LEU B 57 -1.98 -6.35 -8.63
N GLN B 58 -2.62 -5.60 -7.73
CA GLN B 58 -3.44 -6.16 -6.67
C GLN B 58 -4.83 -6.59 -7.12
N ALA B 59 -5.21 -6.24 -8.34
CA ALA B 59 -6.57 -6.44 -8.78
C ALA B 59 -7.02 -7.89 -8.72
N GLY B 60 -8.11 -8.10 -8.03
CA GLY B 60 -8.68 -9.39 -7.83
C GLY B 60 -7.92 -10.34 -6.99
N LEU B 61 -6.85 -9.88 -6.35
CA LEU B 61 -6.07 -10.76 -5.46
C LEU B 61 -6.75 -11.06 -4.13
N GLY B 62 -7.80 -10.33 -3.82
CA GLY B 62 -8.51 -10.47 -2.56
C GLY B 62 -7.97 -9.55 -1.48
N GLN B 63 -8.65 -9.50 -0.35
CA GLN B 63 -8.33 -8.50 0.66
C GLN B 63 -6.87 -8.60 1.11
N ASN B 64 -6.19 -7.47 1.11
CA ASN B 64 -4.89 -7.37 1.75
C ASN B 64 -3.88 -8.46 1.37
N PRO B 65 -3.39 -8.35 0.07
CA PRO B 65 -2.53 -9.48 -0.34
C PRO B 65 -1.36 -9.73 0.63
N ALA B 66 -0.79 -8.70 1.23
CA ALA B 66 0.30 -8.92 2.18
C ALA B 66 -0.17 -9.80 3.33
N ARG B 67 -1.38 -9.54 3.81
CA ARG B 67 -1.91 -10.34 4.88
C ARG B 67 -2.11 -11.77 4.44
N GLN B 68 -2.57 -11.99 3.23
CA GLN B 68 -2.73 -13.35 2.78
C GLN B 68 -1.41 -14.11 2.71
N ALA B 69 -0.35 -13.46 2.21
CA ALA B 69 0.95 -14.04 2.21
C ALA B 69 1.45 -14.42 3.60
N SER B 70 1.28 -13.51 4.54
CA SER B 70 1.63 -13.73 5.92
C SER B 70 0.96 -14.96 6.50
N PHE B 71 -0.35 -15.02 6.31
CA PHE B 71 -1.13 -16.11 6.88
C PHE B 71 -0.74 -17.45 6.19
N LYS B 72 -0.56 -17.42 4.87
CA LYS B 72 -0.23 -18.61 4.16
C LYS B 72 1.17 -19.11 4.53
N ALA B 73 2.06 -18.21 4.92
CA ALA B 73 3.37 -18.54 5.40
C ALA B 73 3.43 -19.20 6.78
N GLY B 74 2.30 -19.22 7.49
CA GLY B 74 2.23 -19.69 8.83
C GLY B 74 2.55 -18.65 9.86
N LEU B 75 2.62 -17.36 9.52
CA LEU B 75 2.75 -16.40 10.58
C LEU B 75 1.44 -16.29 11.37
N PRO B 76 1.54 -16.03 12.68
CA PRO B 76 0.39 -15.81 13.56
C PRO B 76 -0.60 -14.85 12.92
N VAL B 77 -1.88 -15.19 13.01
CA VAL B 77 -2.92 -14.36 12.41
C VAL B 77 -3.03 -12.95 12.93
N GLU B 78 -2.57 -12.73 14.16
CA GLU B 78 -2.66 -11.42 14.75
C GLU B 78 -1.52 -10.40 14.40
N ILE B 79 -0.54 -10.82 13.62
CA ILE B 79 0.53 -9.94 13.13
C ILE B 79 -0.12 -9.01 12.13
N PRO B 80 0.05 -7.74 12.33
CA PRO B 80 -0.55 -6.85 11.32
C PRO B 80 0.25 -6.84 10.02
N ALA B 81 -0.46 -6.67 8.93
CA ALA B 81 0.15 -6.66 7.60
C ALA B 81 -0.46 -5.58 6.73
N MET B 82 0.36 -5.02 5.84
CA MET B 82 -0.14 -4.05 4.88
C MET B 82 0.56 -4.19 3.58
N THR B 83 -0.15 -3.86 2.52
CA THR B 83 0.32 -4.01 1.17
C THR B 83 0.63 -2.57 0.70
N ILE B 84 1.82 -2.38 0.16
CA ILE B 84 2.32 -1.10 -0.31
C ILE B 84 2.40 -1.06 -1.83
N ASN B 85 1.89 -0.01 -2.44
CA ASN B 85 2.04 0.18 -3.86
C ASN B 85 2.67 1.52 -4.16
N LYS B 86 3.88 1.45 -4.67
CA LYS B 86 4.64 2.58 -5.13
C LYS B 86 5.16 2.22 -6.51
N VAL B 87 4.48 1.31 -7.19
CA VAL B 87 4.94 0.83 -8.47
C VAL B 87 6.39 0.37 -8.33
N CYS B 88 7.26 0.96 -9.13
CA CYS B 88 8.63 0.50 -9.22
C CYS B 88 9.31 0.50 -7.86
N GLY B 89 9.06 1.50 -7.06
CA GLY B 89 9.73 1.49 -5.76
C GLY B 89 9.18 0.56 -4.68
N SER B 90 8.14 -0.19 -4.94
CA SER B 90 7.37 -0.76 -3.81
C SER B 90 8.19 -1.63 -2.91
N GLY B 91 8.92 -2.58 -3.49
CA GLY B 91 9.64 -3.59 -2.72
C GLY B 91 10.77 -3.05 -1.90
N LEU B 92 11.53 -2.13 -2.43
CA LEU B 92 12.55 -1.50 -1.64
C LEU B 92 12.03 -0.50 -0.58
N ARG B 93 11.00 0.26 -0.90
CA ARG B 93 10.42 1.20 0.05
C ARG B 93 9.88 0.47 1.27
N THR B 94 9.47 -0.78 1.14
CA THR B 94 9.01 -1.49 2.35
C THR B 94 10.16 -1.70 3.34
N VAL B 95 11.38 -1.77 2.82
CA VAL B 95 12.57 -2.03 3.68
C VAL B 95 12.91 -0.78 4.48
N SER B 96 12.89 0.41 3.83
CA SER B 96 13.10 1.65 4.53
C SER B 96 11.96 1.97 5.44
N LEU B 97 10.72 1.63 5.04
CA LEU B 97 9.61 1.77 5.99
C LEU B 97 9.82 0.95 7.23
N ALA B 98 10.24 -0.29 7.06
CA ALA B 98 10.58 -1.13 8.21
C ALA B 98 11.60 -0.47 9.09
N ALA B 99 12.66 0.04 8.51
CA ALA B 99 13.73 0.72 9.28
C ALA B 99 13.15 1.95 10.02
N GLN B 100 12.21 2.66 9.39
CA GLN B 100 11.64 3.84 9.98
C GLN B 100 10.82 3.50 11.19
N ILE B 101 10.02 2.43 11.07
CA ILE B 101 9.16 1.96 12.16
C ILE B 101 10.02 1.50 13.35
N ILE B 102 11.11 0.83 13.03
CA ILE B 102 12.03 0.32 14.09
C ILE B 102 12.67 1.52 14.78
N LYS B 103 13.20 2.44 13.98
CA LYS B 103 13.72 3.72 14.48
C LYS B 103 12.75 4.52 15.30
N ALA B 104 11.44 4.49 15.00
CA ALA B 104 10.46 5.21 15.79
C ALA B 104 10.19 4.51 17.13
N GLY B 105 10.70 3.31 17.33
CA GLY B 105 10.50 2.58 18.57
C GLY B 105 9.29 1.71 18.62
N ASP B 106 8.72 1.40 17.45
CA ASP B 106 7.46 0.67 17.46
C ASP B 106 7.55 -0.78 17.05
N ALA B 107 8.71 -1.26 16.63
CA ALA B 107 8.88 -2.65 16.26
C ALA B 107 10.33 -3.01 16.43
N ASP B 108 10.55 -4.31 16.60
CA ASP B 108 11.91 -4.86 16.62
C ASP B 108 12.15 -5.75 15.40
N VAL B 109 11.12 -6.43 14.87
CA VAL B 109 11.28 -7.41 13.82
C VAL B 109 10.14 -7.19 12.81
N ILE B 110 10.50 -6.95 11.55
CA ILE B 110 9.50 -6.73 10.48
C ILE B 110 9.91 -7.53 9.24
N ILE B 111 8.93 -8.17 8.63
CA ILE B 111 9.09 -8.85 7.35
C ILE B 111 8.81 -7.80 6.29
N ALA B 112 9.74 -7.60 5.38
CA ALA B 112 9.59 -6.64 4.33
C ALA B 112 9.89 -7.29 2.98
N GLY B 113 9.54 -6.62 1.91
CA GLY B 113 9.90 -7.07 0.60
C GLY B 113 8.71 -6.81 -0.35
N GLY B 114 8.56 -7.69 -1.32
CA GLY B 114 7.50 -7.60 -2.27
C GLY B 114 7.27 -8.82 -3.07
N MET B 115 6.17 -8.80 -3.88
CA MET B 115 5.72 -9.98 -4.63
C MET B 115 4.93 -9.50 -5.77
N GLU B 116 5.01 -10.23 -6.87
CA GLU B 116 4.28 -9.92 -8.07
C GLU B 116 4.13 -11.15 -8.94
N ASN B 117 2.96 -11.30 -9.49
CA ASN B 117 2.74 -12.22 -10.57
C ASN B 117 2.06 -11.54 -11.69
N MET B 118 2.91 -11.07 -12.61
CA MET B 118 2.45 -10.36 -13.78
C MET B 118 1.72 -11.31 -14.75
N SER B 119 2.15 -12.59 -14.82
CA SER B 119 1.50 -13.56 -15.72
C SER B 119 -0.01 -13.71 -15.43
N ARG B 120 -0.39 -13.52 -14.16
CA ARG B 120 -1.74 -13.70 -13.72
C ARG B 120 -2.59 -12.45 -13.64
N ALA B 121 -2.11 -11.31 -14.16
CA ALA B 121 -2.89 -10.09 -14.04
C ALA B 121 -4.20 -10.22 -14.84
N PRO B 122 -5.31 -9.67 -14.31
CA PRO B 122 -6.61 -9.75 -15.01
C PRO B 122 -6.77 -8.76 -16.16
N TYR B 123 -7.82 -8.96 -16.93
CA TYR B 123 -8.41 -7.92 -17.71
C TYR B 123 -9.58 -7.30 -17.01
N LEU B 124 -9.84 -6.06 -17.30
CA LEU B 124 -10.89 -5.29 -16.63
C LEU B 124 -11.97 -4.74 -17.57
N ALA B 125 -13.18 -4.77 -17.04
CA ALA B 125 -14.30 -4.06 -17.59
C ALA B 125 -14.67 -2.96 -16.65
N ASN B 126 -14.22 -1.75 -16.94
CA ASN B 126 -14.36 -0.63 -15.96
C ASN B 126 -15.79 -0.11 -15.75
N ASN B 127 -16.65 -0.31 -16.76
CA ASN B 127 -17.98 0.19 -16.70
C ASN B 127 -19.03 -0.89 -16.68
N ALA B 128 -18.64 -2.08 -16.23
CA ALA B 128 -19.60 -3.18 -16.08
C ALA B 128 -20.64 -2.94 -14.96
N ARG B 129 -20.27 -2.20 -13.93
CA ARG B 129 -21.13 -2.06 -12.75
C ARG B 129 -22.40 -1.28 -13.09
N TRP B 130 -22.27 -0.11 -13.70
CA TRP B 130 -23.43 0.75 -14.01
C TRP B 130 -23.71 0.80 -15.52
N GLY B 131 -22.86 0.16 -16.32
CA GLY B 131 -23.17 -0.10 -17.72
C GLY B 131 -22.43 0.76 -18.69
N TYR B 132 -22.23 0.22 -19.91
CA TYR B 132 -21.52 0.87 -20.99
C TYR B 132 -22.50 1.70 -21.82
N ARG B 133 -23.81 1.47 -21.70
N ARG B 133 -23.78 1.34 -21.78
CA ARG B 133 -24.90 2.12 -22.49
CA ARG B 133 -24.88 2.02 -22.45
C ARG B 133 -24.88 1.74 -23.97
C ARG B 133 -24.90 1.77 -23.98
N MET B 134 -23.80 2.08 -24.66
CA MET B 134 -23.62 1.79 -26.06
C MET B 134 -22.24 2.09 -26.56
N GLY B 135 -21.79 1.33 -27.56
CA GLY B 135 -20.54 1.62 -28.26
C GLY B 135 -19.44 0.66 -27.77
N ASN B 136 -18.48 0.35 -28.63
CA ASN B 136 -17.34 -0.46 -28.20
C ASN B 136 -16.58 0.27 -27.10
N ALA B 137 -15.91 -0.50 -26.24
CA ALA B 137 -15.18 0.08 -25.14
C ALA B 137 -13.88 -0.66 -25.00
N LYS B 138 -13.07 -0.31 -24.01
CA LYS B 138 -11.77 -0.95 -23.85
C LYS B 138 -11.92 -2.15 -22.90
N PHE B 139 -11.34 -3.28 -23.29
CA PHE B 139 -11.17 -4.44 -22.41
C PHE B 139 -9.75 -4.28 -21.90
N VAL B 140 -9.61 -3.88 -20.63
CA VAL B 140 -8.36 -3.25 -20.15
C VAL B 140 -7.38 -4.25 -19.65
N ASP B 141 -6.16 -4.18 -20.16
CA ASP B 141 -5.05 -4.96 -19.64
C ASP B 141 -4.59 -4.34 -18.31
N GLU B 142 -4.89 -5.02 -17.19
CA GLU B 142 -4.69 -4.37 -15.88
C GLU B 142 -3.19 -4.27 -15.59
N MET B 143 -2.42 -5.22 -16.13
CA MET B 143 -0.96 -5.22 -15.93
C MET B 143 -0.37 -3.95 -16.54
N ILE B 144 -0.76 -3.64 -17.75
CA ILE B 144 -0.24 -2.42 -18.43
C ILE B 144 -0.74 -1.15 -17.71
N THR B 145 -2.04 -1.10 -17.41
CA THR B 145 -2.60 0.10 -16.85
C THR B 145 -2.05 0.41 -15.46
N ASP B 146 -2.14 -0.55 -14.56
CA ASP B 146 -1.66 -0.38 -13.19
C ASP B 146 -0.14 -0.40 -13.01
N GLY B 147 0.56 -1.13 -13.85
CA GLY B 147 1.99 -1.30 -13.71
C GLY B 147 2.92 -0.59 -14.65
N LEU B 148 2.52 -0.44 -15.91
CA LEU B 148 3.45 -0.02 -16.96
C LEU B 148 3.14 1.24 -17.73
N TRP B 149 2.04 1.88 -17.39
CA TRP B 149 1.55 3.00 -18.16
C TRP B 149 1.69 4.28 -17.34
N ASP B 150 2.26 5.34 -17.98
CA ASP B 150 2.47 6.63 -17.31
C ASP B 150 1.13 7.34 -17.22
N ALA B 151 0.66 7.56 -15.98
CA ALA B 151 -0.70 8.07 -15.80
C ALA B 151 -0.82 9.56 -16.20
N PHE B 152 0.28 10.28 -16.19
CA PHE B 152 0.22 11.70 -16.57
C PHE B 152 0.46 11.94 -18.05
N ASN B 153 1.42 11.24 -18.62
CA ASN B 153 1.80 11.40 -20.03
C ASN B 153 0.99 10.53 -20.92
N ASP B 154 0.33 9.52 -20.36
CA ASP B 154 -0.52 8.65 -21.13
C ASP B 154 0.32 8.05 -22.26
N TYR B 155 1.48 7.52 -21.88
CA TYR B 155 2.17 6.56 -22.70
C TYR B 155 2.88 5.45 -21.86
N HIS B 156 3.40 4.43 -22.54
CA HIS B 156 4.08 3.32 -21.87
C HIS B 156 5.40 3.81 -21.27
N MET B 157 5.77 3.21 -20.13
CA MET B 157 7.10 3.37 -19.53
C MET B 157 8.28 3.33 -20.50
N GLY B 158 8.17 2.44 -21.46
CA GLY B 158 9.12 2.28 -22.62
C GLY B 158 9.39 3.57 -23.36
N ILE B 159 8.38 4.39 -23.52
CA ILE B 159 8.58 5.75 -24.08
C ILE B 159 9.47 6.61 -23.21
N THR B 160 9.33 6.51 -21.88
CA THR B 160 10.23 7.23 -21.04
C THR B 160 11.69 6.82 -21.26
N ALA B 161 11.91 5.51 -21.43
CA ALA B 161 13.24 5.00 -21.61
C ALA B 161 13.83 5.56 -22.94
N GLU B 162 13.01 5.54 -23.98
CA GLU B 162 13.39 6.17 -25.29
C GLU B 162 13.77 7.63 -25.12
N ASN B 163 12.95 8.36 -24.38
CA ASN B 163 13.20 9.77 -24.03
C ASN B 163 14.56 9.98 -23.39
N ILE B 164 14.90 9.13 -22.42
CA ILE B 164 16.21 9.22 -21.77
C ILE B 164 17.34 8.91 -22.73
N ALA B 165 17.13 7.91 -23.58
CA ALA B 165 18.12 7.43 -24.57
C ALA B 165 18.40 8.60 -25.49
N GLU B 166 17.32 9.26 -25.89
CA GLU B 166 17.38 10.41 -26.81
C GLU B 166 18.12 11.57 -26.23
N ARG B 167 17.71 11.97 -25.05
CA ARG B 167 18.28 13.09 -24.40
C ARG B 167 19.77 12.95 -24.04
N TRP B 168 20.23 11.73 -23.73
CA TRP B 168 21.60 11.50 -23.28
C TRP B 168 22.46 10.95 -24.40
N ASN B 169 21.90 10.68 -25.56
CA ASN B 169 22.58 9.93 -26.62
C ASN B 169 23.13 8.59 -26.17
N ILE B 170 22.23 7.80 -25.59
CA ILE B 170 22.52 6.42 -25.30
C ILE B 170 22.06 5.61 -26.50
N SER B 171 23.03 5.20 -27.34
CA SER B 171 22.72 4.64 -28.61
C SER B 171 22.19 3.20 -28.51
N ARG B 172 21.53 2.74 -29.57
CA ARG B 172 21.09 1.34 -29.69
C ARG B 172 22.26 0.38 -29.43
N GLU B 173 23.44 0.68 -30.00
CA GLU B 173 24.58 -0.21 -29.86
C GLU B 173 25.04 -0.27 -28.41
N GLU B 174 25.04 0.86 -27.73
CA GLU B 174 25.48 0.91 -26.41
C GLU B 174 24.49 0.14 -25.49
N GLN B 175 23.22 0.36 -25.74
CA GLN B 175 22.19 -0.37 -24.98
C GLN B 175 22.30 -1.89 -25.19
N ASP B 176 22.52 -2.32 -26.43
CA ASP B 176 22.69 -3.76 -26.74
C ASP B 176 23.95 -4.35 -26.09
N GLU B 177 25.06 -3.60 -26.15
CA GLU B 177 26.27 -4.09 -25.46
C GLU B 177 25.99 -4.24 -23.94
N PHE B 178 25.29 -3.26 -23.37
CA PHE B 178 24.95 -3.37 -21.93
C PHE B 178 24.08 -4.62 -21.64
N ALA B 179 23.07 -4.83 -22.48
CA ALA B 179 22.21 -5.99 -22.40
C ALA B 179 22.98 -7.29 -22.49
N LEU B 180 23.88 -7.40 -23.47
CA LEU B 180 24.75 -8.60 -23.62
C LEU B 180 25.56 -8.89 -22.39
N ALA B 181 26.13 -7.86 -21.78
CA ALA B 181 26.98 -8.08 -20.61
C ALA B 181 26.11 -8.56 -19.44
N SER B 182 24.93 -7.95 -19.32
CA SER B 182 23.94 -8.43 -18.31
C SER B 182 23.60 -9.91 -18.55
N GLN B 183 23.31 -10.28 -19.80
CA GLN B 183 23.06 -11.68 -20.13
C GLN B 183 24.23 -12.60 -19.73
N LYS B 184 25.42 -12.17 -20.08
CA LYS B 184 26.60 -13.00 -19.84
C LYS B 184 26.88 -13.14 -18.38
N LYS B 185 26.73 -12.05 -17.65
CA LYS B 185 26.93 -12.10 -16.22
C LYS B 185 25.87 -12.98 -15.52
N ALA B 186 24.62 -12.90 -15.95
CA ALA B 186 23.57 -13.79 -15.35
C ALA B 186 23.86 -15.26 -15.59
N GLU B 187 24.15 -15.56 -16.84
CA GLU B 187 24.50 -16.94 -17.20
C GLU B 187 25.64 -17.50 -16.29
N GLU B 188 26.70 -16.74 -16.11
N GLU B 188 26.72 -16.73 -16.17
CA GLU B 188 27.83 -17.21 -15.31
CA GLU B 188 27.86 -17.11 -15.34
C GLU B 188 27.51 -17.29 -13.81
C GLU B 188 27.40 -17.36 -13.92
N ALA B 189 26.62 -16.39 -13.38
CA ALA B 189 26.20 -16.40 -12.01
C ALA B 189 25.33 -17.61 -11.75
N ILE B 190 24.38 -17.87 -12.64
CA ILE B 190 23.50 -19.01 -12.46
C ILE B 190 24.32 -20.31 -12.47
N LYS B 191 25.18 -20.46 -13.49
CA LYS B 191 25.97 -21.69 -13.70
C LYS B 191 27.01 -21.94 -12.61
N SER B 192 27.50 -20.86 -11.98
CA SER B 192 28.45 -20.92 -10.87
C SER B 192 27.81 -20.97 -9.49
N GLY B 193 26.47 -21.07 -9.43
CA GLY B 193 25.77 -21.25 -8.14
C GLY B 193 25.62 -19.98 -7.30
N GLN B 194 25.82 -18.78 -7.89
CA GLN B 194 25.85 -17.55 -7.09
C GLN B 194 24.48 -17.28 -6.44
N PHE B 195 23.40 -17.80 -7.02
CA PHE B 195 22.07 -17.58 -6.47
C PHE B 195 21.56 -18.69 -5.54
N LYS B 196 22.37 -19.71 -5.28
CA LYS B 196 21.85 -20.87 -4.53
C LYS B 196 21.58 -20.52 -3.11
N ASP B 197 22.31 -19.61 -2.51
CA ASP B 197 21.98 -19.25 -1.12
C ASP B 197 20.64 -18.52 -1.04
N GLU B 198 20.33 -17.67 -2.02
CA GLU B 198 19.20 -16.76 -1.90
C GLU B 198 17.88 -17.29 -2.45
N ILE B 199 17.90 -18.29 -3.32
CA ILE B 199 16.68 -18.78 -3.96
C ILE B 199 15.96 -19.84 -3.10
N VAL B 200 14.72 -19.61 -2.77
CA VAL B 200 13.88 -20.70 -2.17
C VAL B 200 13.08 -21.36 -3.28
N PRO B 201 13.16 -22.70 -3.38
CA PRO B 201 12.37 -23.39 -4.41
C PRO B 201 10.88 -23.14 -4.22
N VAL B 202 10.18 -23.09 -5.32
CA VAL B 202 8.69 -23.11 -5.28
C VAL B 202 8.22 -24.50 -5.75
N VAL B 203 7.30 -25.08 -4.99
CA VAL B 203 6.76 -26.39 -5.29
C VAL B 203 5.36 -26.20 -5.85
N ILE B 204 5.16 -26.70 -7.06
CA ILE B 204 3.90 -26.61 -7.72
C ILE B 204 3.34 -28.05 -7.80
N LYS B 205 2.19 -28.27 -7.21
CA LYS B 205 1.52 -29.57 -7.34
C LYS B 205 0.64 -29.60 -8.60
N GLY B 206 1.11 -30.29 -9.64
CA GLY B 206 0.30 -30.55 -10.85
C GLY B 206 -0.77 -31.59 -10.54
N ARG B 207 -1.52 -32.05 -11.55
CA ARG B 207 -2.50 -33.10 -11.28
C ARG B 207 -1.77 -34.42 -10.95
N LYS B 208 -0.83 -34.85 -11.79
CA LYS B 208 0.14 -35.85 -11.36
C LYS B 208 1.50 -35.21 -11.39
N GLY B 209 2.12 -35.17 -10.22
CA GLY B 209 3.47 -34.65 -10.07
C GLY B 209 3.43 -33.37 -9.28
N GLU B 210 4.45 -33.21 -8.44
CA GLU B 210 4.90 -31.90 -8.02
C GLU B 210 6.01 -31.49 -8.98
N THR B 211 6.07 -30.21 -9.28
CA THR B 211 7.13 -29.62 -10.08
C THR B 211 7.87 -28.67 -9.09
N VAL B 212 9.19 -28.57 -9.19
CA VAL B 212 9.99 -27.65 -8.35
C VAL B 212 10.52 -26.59 -9.31
N VAL B 213 10.30 -25.30 -9.02
CA VAL B 213 10.91 -24.22 -9.75
C VAL B 213 11.96 -23.60 -8.86
N ASP B 214 13.24 -23.67 -9.24
CA ASP B 214 14.29 -23.13 -8.41
C ASP B 214 15.35 -22.42 -9.22
N THR B 215 15.08 -22.09 -10.47
CA THR B 215 16.10 -21.44 -11.33
C THR B 215 15.45 -20.34 -12.14
N ASP B 216 16.15 -19.23 -12.21
CA ASP B 216 15.71 -18.06 -12.91
C ASP B 216 15.59 -18.41 -14.35
N GLU B 217 14.43 -18.21 -14.96
CA GLU B 217 14.27 -18.69 -16.27
C GLU B 217 14.38 -17.63 -17.37
N HIS B 218 14.37 -16.35 -17.05
CA HIS B 218 14.35 -15.33 -18.06
C HIS B 218 15.65 -15.17 -18.89
N PRO B 219 16.84 -15.46 -18.31
CA PRO B 219 18.08 -15.27 -19.10
C PRO B 219 18.05 -16.07 -20.41
N ARG B 220 18.58 -15.46 -21.44
CA ARG B 220 18.71 -16.04 -22.78
C ARG B 220 20.20 -16.43 -22.94
N PHE B 221 20.55 -17.64 -22.53
CA PHE B 221 21.91 -18.10 -22.52
C PHE B 221 22.37 -18.16 -23.96
N GLY B 222 23.64 -17.95 -24.16
CA GLY B 222 24.22 -17.93 -25.47
C GLY B 222 23.84 -16.69 -26.26
N SER B 223 23.45 -15.60 -25.59
CA SER B 223 22.96 -14.40 -26.32
C SER B 223 24.16 -13.90 -27.10
N THR B 224 23.93 -13.20 -28.23
CA THR B 224 25.04 -12.58 -28.97
C THR B 224 24.66 -11.19 -29.41
N ILE B 225 25.68 -10.36 -29.63
CA ILE B 225 25.49 -8.99 -30.09
C ILE B 225 24.74 -8.94 -31.41
N GLU B 226 25.00 -9.90 -32.31
CA GLU B 226 24.33 -9.97 -33.60
C GLU B 226 22.85 -10.30 -33.41
N GLY B 227 22.55 -11.19 -32.46
CA GLY B 227 21.16 -11.52 -32.17
C GLY B 227 20.39 -10.28 -31.67
N LEU B 228 21.03 -9.51 -30.78
CA LEU B 228 20.44 -8.30 -30.25
C LEU B 228 20.27 -7.20 -31.33
N ALA B 229 21.27 -7.01 -32.19
CA ALA B 229 21.19 -6.03 -33.26
C ALA B 229 20.07 -6.29 -34.29
N LYS B 230 19.64 -7.53 -34.47
CA LYS B 230 18.56 -7.85 -35.39
C LYS B 230 17.19 -7.48 -34.89
N LEU B 231 17.01 -7.20 -33.59
CA LEU B 231 15.67 -7.01 -33.07
C LEU B 231 15.07 -5.69 -33.51
N LYS B 232 13.74 -5.64 -33.63
CA LYS B 232 13.08 -4.38 -34.02
C LYS B 232 12.74 -3.54 -32.79
N PRO B 233 12.78 -2.19 -32.91
CA PRO B 233 12.32 -1.31 -31.83
C PRO B 233 10.91 -1.65 -31.35
N ALA B 234 10.71 -1.69 -30.04
CA ALA B 234 9.48 -2.15 -29.47
C ALA B 234 8.46 -1.02 -29.18
N PHE B 235 8.92 0.22 -29.07
CA PHE B 235 8.04 1.28 -28.59
C PHE B 235 7.86 2.41 -29.54
N LYS B 236 8.79 2.61 -30.45
CA LYS B 236 8.57 3.63 -31.39
C LYS B 236 9.36 3.33 -32.65
N LYS B 237 8.87 3.85 -33.78
CA LYS B 237 9.49 3.64 -35.09
C LYS B 237 10.89 4.22 -35.03
N ASP B 238 11.84 3.52 -35.65
CA ASP B 238 13.25 3.86 -35.52
C ASP B 238 13.72 4.12 -34.07
N GLY B 239 13.11 3.45 -33.09
CA GLY B 239 13.57 3.57 -31.68
C GLY B 239 14.89 2.86 -31.42
N THR B 240 15.38 3.00 -30.19
CA THR B 240 16.55 2.28 -29.71
C THR B 240 16.18 1.10 -28.77
N VAL B 241 15.00 1.19 -28.14
CA VAL B 241 14.64 0.22 -27.11
C VAL B 241 13.99 -0.94 -27.78
N THR B 242 14.42 -2.14 -27.44
CA THR B 242 13.87 -3.36 -27.97
C THR B 242 13.50 -4.32 -26.84
N ALA B 243 12.89 -5.46 -27.20
CA ALA B 243 12.77 -6.61 -26.26
C ALA B 243 14.08 -7.05 -25.68
N GLY B 244 15.17 -6.87 -26.45
CA GLY B 244 16.47 -7.37 -26.10
C GLY B 244 17.23 -6.51 -25.13
N ASN B 245 16.95 -5.22 -25.13
CA ASN B 245 17.63 -4.30 -24.25
C ASN B 245 16.74 -3.71 -23.17
N ALA B 246 15.62 -4.39 -22.94
CA ALA B 246 14.69 -4.06 -21.90
C ALA B 246 14.39 -5.32 -21.11
N SER B 247 13.92 -5.15 -19.89
CA SER B 247 13.50 -6.27 -19.06
C SER B 247 12.16 -6.81 -19.53
N GLY B 248 11.76 -7.92 -18.94
CA GLY B 248 10.51 -8.56 -19.26
C GLY B 248 9.37 -8.30 -18.31
N LEU B 249 8.35 -9.13 -18.43
CA LEU B 249 7.23 -9.16 -17.51
C LEU B 249 7.41 -10.44 -16.71
N ASN B 250 7.51 -10.32 -15.41
CA ASN B 250 8.05 -11.42 -14.62
C ASN B 250 7.35 -11.60 -13.30
N ASP B 251 7.53 -12.77 -12.72
CA ASP B 251 6.85 -13.18 -11.53
C ASP B 251 7.88 -13.57 -10.49
N CYS B 252 7.75 -13.07 -9.27
CA CYS B 252 8.73 -13.35 -8.18
C CYS B 252 8.21 -12.86 -6.86
N ALA B 253 8.72 -13.42 -5.78
CA ALA B 253 8.64 -12.75 -4.47
C ALA B 253 10.05 -12.69 -3.84
N ALA B 254 10.33 -11.61 -3.12
CA ALA B 254 11.55 -11.42 -2.44
C ALA B 254 11.25 -10.77 -1.08
N VAL B 255 11.78 -11.38 -0.02
CA VAL B 255 11.46 -11.05 1.37
C VAL B 255 12.71 -10.98 2.24
N LEU B 256 12.73 -10.02 3.14
CA LEU B 256 13.85 -9.85 4.04
C LEU B 256 13.32 -9.73 5.44
N VAL B 257 14.03 -10.30 6.41
CA VAL B 257 13.77 -10.02 7.80
C VAL B 257 14.61 -8.84 8.24
N ILE B 258 13.94 -7.78 8.67
CA ILE B 258 14.60 -6.54 9.10
C ILE B 258 14.43 -6.49 10.62
N MET B 259 15.50 -6.22 11.37
CA MET B 259 15.43 -6.21 12.83
C MET B 259 16.26 -5.06 13.43
N SER B 260 15.96 -4.64 14.67
CA SER B 260 16.87 -3.77 15.35
C SER B 260 18.14 -4.57 15.64
N ALA B 261 19.30 -3.91 15.66
CA ALA B 261 20.55 -4.58 16.05
C ALA B 261 20.43 -5.21 17.46
N GLU B 262 19.76 -4.51 18.33
CA GLU B 262 19.62 -4.97 19.71
C GLU B 262 18.75 -6.20 19.77
N LYS B 263 17.66 -6.26 19.03
CA LYS B 263 16.87 -7.50 19.03
C LYS B 263 17.59 -8.65 18.37
N ALA B 264 18.31 -8.41 17.27
CA ALA B 264 19.12 -9.45 16.67
C ALA B 264 20.09 -10.10 17.71
N LYS B 265 20.74 -9.28 18.49
CA LYS B 265 21.68 -9.79 19.53
C LYS B 265 20.90 -10.62 20.52
N GLU B 266 19.85 -10.04 21.04
CA GLU B 266 18.99 -10.76 21.96
C GLU B 266 18.52 -12.11 21.48
N LEU B 267 18.21 -12.24 20.19
CA LEU B 267 17.65 -13.49 19.66
C LEU B 267 18.73 -14.40 19.09
N GLY B 268 19.99 -14.00 19.26
CA GLY B 268 21.11 -14.79 18.80
C GLY B 268 21.31 -14.79 17.28
N VAL B 269 20.75 -13.79 16.61
CA VAL B 269 20.81 -13.72 15.15
C VAL B 269 22.14 -13.17 14.72
N LYS B 270 22.69 -13.73 13.66
CA LYS B 270 23.89 -13.21 13.07
C LYS B 270 23.52 -12.39 11.83
N PRO B 271 23.53 -11.07 11.93
CA PRO B 271 22.95 -10.42 10.75
C PRO B 271 23.88 -10.34 9.59
N LEU B 272 23.31 -10.09 8.40
CA LEU B 272 24.05 -10.13 7.18
C LEU B 272 24.60 -8.75 6.84
N ALA B 273 23.89 -7.70 7.24
CA ALA B 273 24.32 -6.33 6.91
C ALA B 273 23.51 -5.33 7.66
N LYS B 274 24.03 -4.11 7.80
CA LYS B 274 23.39 -3.02 8.43
C LYS B 274 22.89 -2.04 7.40
N ILE B 275 21.70 -1.56 7.63
CA ILE B 275 21.16 -0.54 6.76
C ILE B 275 21.68 0.80 7.24
N VAL B 276 22.50 1.43 6.42
CA VAL B 276 23.16 2.68 6.79
C VAL B 276 22.42 3.92 6.41
N SER B 277 21.80 3.94 5.25
CA SER B 277 20.95 5.04 4.86
C SER B 277 20.06 4.60 3.71
N TYR B 278 19.15 5.51 3.35
CA TYR B 278 18.12 5.19 2.36
C TYR B 278 17.59 6.46 1.77
N GLY B 279 17.03 6.33 0.59
CA GLY B 279 16.50 7.46 -0.19
C GLY B 279 15.52 8.33 0.55
N SER B 280 14.65 7.73 1.35
CA SER B 280 13.67 8.52 2.14
C SER B 280 14.36 9.05 3.41
N ALA B 281 14.99 10.21 3.46
CA ALA B 281 15.67 10.50 4.76
C ALA B 281 15.97 11.92 5.14
N GLY B 291 21.68 15.91 -10.19
CA GLY B 291 20.98 15.56 -11.42
C GLY B 291 19.54 15.25 -11.10
N PRO B 292 18.88 14.40 -11.90
CA PRO B 292 17.56 13.80 -11.63
C PRO B 292 17.59 12.46 -10.86
N PHE B 293 18.79 12.03 -10.45
CA PHE B 293 18.98 10.84 -9.63
C PHE B 293 19.40 11.28 -8.26
N TYR B 294 18.92 12.44 -7.83
CA TYR B 294 19.36 13.01 -6.56
C TYR B 294 18.99 12.13 -5.37
N ALA B 295 17.95 11.31 -5.49
CA ALA B 295 17.59 10.38 -4.38
C ALA B 295 18.77 9.48 -4.03
N THR B 296 19.31 8.81 -5.05
CA THR B 296 20.43 7.95 -4.85
C THR B 296 21.67 8.73 -4.37
N LYS B 297 21.95 9.86 -5.01
CA LYS B 297 23.08 10.71 -4.60
C LYS B 297 22.96 11.12 -3.16
N ALA B 298 21.77 11.55 -2.76
CA ALA B 298 21.59 12.04 -1.42
C ALA B 298 21.73 10.87 -0.43
N ALA B 299 21.23 9.71 -0.83
CA ALA B 299 21.35 8.50 0.01
C ALA B 299 22.86 8.17 0.26
N ILE B 300 23.61 8.22 -0.81
CA ILE B 300 25.08 7.99 -0.74
C ILE B 300 25.79 8.97 0.21
N GLU B 301 25.48 10.24 0.05
CA GLU B 301 26.01 11.27 0.94
C GLU B 301 25.64 11.08 2.39
N LYS B 302 24.37 10.71 2.64
CA LYS B 302 23.91 10.53 4.02
C LYS B 302 24.64 9.39 4.74
N ALA B 303 25.06 8.36 4.00
CA ALA B 303 25.89 7.31 4.58
C ALA B 303 27.33 7.79 4.91
N GLY B 304 27.72 8.99 4.49
CA GLY B 304 29.10 9.46 4.65
C GLY B 304 30.04 8.88 3.56
N TRP B 305 29.50 8.50 2.39
CA TRP B 305 30.26 7.73 1.41
C TRP B 305 30.32 8.46 0.08
N THR B 306 31.14 7.93 -0.80
CA THR B 306 31.18 8.37 -2.17
C THR B 306 30.90 7.13 -3.03
N VAL B 307 30.64 7.36 -4.30
CA VAL B 307 30.42 6.28 -5.22
C VAL B 307 31.69 5.42 -5.31
N ASP B 308 32.85 6.05 -5.27
CA ASP B 308 34.12 5.32 -5.37
C ASP B 308 34.34 4.33 -4.25
N GLU B 309 33.88 4.69 -3.07
CA GLU B 309 34.03 3.83 -1.90
C GLU B 309 33.18 2.55 -1.96
N LEU B 310 32.14 2.56 -2.77
CA LEU B 310 31.26 1.41 -2.86
C LEU B 310 31.97 0.17 -3.39
N ASP B 311 31.62 -0.98 -2.83
CA ASP B 311 32.21 -2.22 -3.30
C ASP B 311 31.34 -2.95 -4.31
N LEU B 312 30.01 -2.89 -4.10
CA LEU B 312 29.09 -3.49 -5.03
C LEU B 312 27.84 -2.62 -5.14
N ILE B 313 27.29 -2.63 -6.35
CA ILE B 313 26.16 -1.84 -6.74
C ILE B 313 25.18 -2.71 -7.51
N GLU B 314 23.92 -2.66 -7.07
CA GLU B 314 22.81 -3.20 -7.81
C GLU B 314 22.00 -2.02 -8.30
N SER B 315 21.96 -1.81 -9.59
CA SER B 315 21.23 -0.71 -10.15
C SER B 315 20.29 -1.36 -11.14
N ASN B 316 18.98 -1.26 -10.92
CA ASN B 316 18.03 -2.06 -11.67
C ASN B 316 18.02 -1.79 -13.16
N GLU B 317 17.97 -2.84 -13.96
CA GLU B 317 17.84 -2.69 -15.41
C GLU B 317 16.43 -2.84 -15.99
N ALA B 318 15.52 -1.92 -15.70
CA ALA B 318 14.22 -1.94 -16.38
C ALA B 318 14.43 -1.75 -17.88
N PHE B 319 15.27 -0.77 -18.20
CA PHE B 319 15.68 -0.53 -19.56
C PHE B 319 17.17 -0.21 -19.54
N ALA B 320 17.88 -0.70 -20.52
CA ALA B 320 19.31 -0.47 -20.59
C ALA B 320 19.55 1.04 -20.65
N ALA B 321 18.72 1.74 -21.39
CA ALA B 321 18.86 3.20 -21.56
C ALA B 321 18.87 3.89 -20.25
N GLN B 322 18.02 3.46 -19.32
CA GLN B 322 17.93 4.12 -18.03
C GLN B 322 19.08 3.75 -17.10
N SER B 323 19.42 2.45 -17.05
CA SER B 323 20.60 2.03 -16.35
C SER B 323 21.90 2.74 -16.81
N LEU B 324 22.07 2.88 -18.12
CA LEU B 324 23.29 3.55 -18.61
C LEU B 324 23.28 5.03 -18.23
N ALA B 325 22.11 5.65 -18.29
CA ALA B 325 22.00 7.06 -17.82
C ALA B 325 22.39 7.27 -16.35
N VAL B 326 21.89 6.41 -15.45
CA VAL B 326 22.26 6.53 -14.07
C VAL B 326 23.79 6.30 -13.84
N ALA B 327 24.32 5.27 -14.49
CA ALA B 327 25.72 4.88 -14.27
C ALA B 327 26.65 6.01 -14.75
N LYS B 328 26.26 6.63 -15.86
CA LYS B 328 27.01 7.78 -16.42
C LYS B 328 27.01 8.97 -15.52
N ASP B 329 25.84 9.29 -15.00
CA ASP B 329 25.68 10.42 -14.11
C ASP B 329 26.38 10.29 -12.77
N LEU B 330 26.29 9.10 -12.16
CA LEU B 330 26.88 8.89 -10.86
C LEU B 330 28.30 8.33 -10.99
N LYS B 331 28.74 8.07 -12.22
CA LYS B 331 30.11 7.57 -12.52
C LYS B 331 30.45 6.26 -11.83
N PHE B 332 29.49 5.33 -11.84
CA PHE B 332 29.71 4.01 -11.33
C PHE B 332 30.88 3.34 -12.06
N ASP B 333 31.67 2.58 -11.35
CA ASP B 333 32.62 1.63 -11.96
C ASP B 333 31.79 0.39 -12.33
N MET B 334 31.66 0.14 -13.64
CA MET B 334 30.77 -0.88 -14.17
C MET B 334 31.19 -2.28 -13.76
N ASN B 335 32.44 -2.46 -13.32
CA ASN B 335 32.87 -3.76 -12.84
C ASN B 335 32.20 -4.13 -11.51
N LYS B 336 31.71 -3.15 -10.77
CA LYS B 336 31.08 -3.41 -9.50
C LYS B 336 29.54 -3.45 -9.61
N VAL B 337 29.03 -3.27 -10.81
CA VAL B 337 27.58 -3.14 -11.02
C VAL B 337 26.95 -4.45 -11.53
N ASN B 338 25.87 -4.85 -10.84
CA ASN B 338 25.10 -5.98 -11.26
C ASN B 338 26.02 -7.15 -11.60
N VAL B 339 26.86 -7.49 -10.63
CA VAL B 339 27.95 -8.48 -10.90
C VAL B 339 27.44 -9.87 -11.27
N ASN B 340 26.19 -10.17 -10.86
CA ASN B 340 25.58 -11.44 -11.20
C ASN B 340 24.52 -11.28 -12.27
N GLY B 341 24.61 -10.20 -13.07
CA GLY B 341 23.57 -9.95 -14.04
C GLY B 341 22.47 -9.06 -13.44
N GLY B 342 21.70 -8.43 -14.34
CA GLY B 342 20.66 -7.47 -13.97
C GLY B 342 19.35 -7.88 -14.63
N ALA B 343 18.36 -7.02 -14.45
CA ALA B 343 16.95 -7.28 -14.85
C ALA B 343 16.73 -7.56 -16.31
N ILE B 344 17.55 -7.02 -17.21
CA ILE B 344 17.39 -7.39 -18.61
C ILE B 344 17.50 -8.89 -18.79
N ALA B 345 18.46 -9.51 -18.09
CA ALA B 345 18.56 -10.94 -18.15
C ALA B 345 17.56 -11.59 -17.19
N LEU B 346 17.50 -11.07 -15.97
CA LEU B 346 16.85 -11.82 -14.88
C LEU B 346 15.33 -11.57 -14.80
N GLY B 347 14.87 -10.41 -15.26
CA GLY B 347 13.48 -10.05 -15.17
C GLY B 347 13.13 -8.93 -14.20
N HIS B 348 11.96 -8.33 -14.39
CA HIS B 348 11.54 -7.16 -13.63
C HIS B 348 10.13 -7.36 -13.08
N PRO B 349 10.06 -8.18 -11.94
CA PRO B 349 8.69 -8.35 -11.41
C PRO B 349 8.33 -7.19 -10.51
N ILE B 350 7.53 -6.26 -10.98
CA ILE B 350 7.62 -4.88 -10.55
C ILE B 350 7.54 -4.70 -9.05
N GLY B 351 6.54 -5.28 -8.41
CA GLY B 351 6.32 -5.13 -6.98
C GLY B 351 7.46 -5.67 -6.13
N ALA B 352 8.05 -6.76 -6.62
CA ALA B 352 9.14 -7.43 -5.95
C ALA B 352 10.56 -6.96 -6.29
N SER B 353 10.72 -6.19 -7.36
CA SER B 353 12.03 -5.96 -7.94
C SER B 353 13.04 -5.28 -7.03
N GLY B 354 12.60 -4.25 -6.32
CA GLY B 354 13.48 -3.54 -5.43
C GLY B 354 13.96 -4.47 -4.35
N ALA B 355 13.05 -5.28 -3.83
CA ALA B 355 13.41 -6.28 -2.83
C ALA B 355 14.34 -7.33 -3.42
N ARG B 356 14.08 -7.72 -4.66
CA ARG B 356 14.88 -8.76 -5.34
C ARG B 356 16.32 -8.31 -5.46
N ILE B 357 16.56 -7.07 -5.97
CA ILE B 357 17.92 -6.61 -6.11
C ILE B 357 18.61 -6.47 -4.75
N LEU B 358 17.88 -6.18 -3.66
CA LEU B 358 18.48 -6.03 -2.36
C LEU B 358 18.91 -7.43 -1.83
N VAL B 359 18.04 -8.40 -2.04
CA VAL B 359 18.39 -9.81 -1.77
C VAL B 359 19.67 -10.26 -2.51
N THR B 360 19.75 -9.95 -3.80
CA THR B 360 20.93 -10.29 -4.61
C THR B 360 22.13 -9.50 -4.13
N LEU B 361 21.92 -8.23 -3.76
CA LEU B 361 23.05 -7.44 -3.22
C LEU B 361 23.64 -8.02 -1.93
N VAL B 362 22.78 -8.30 -0.97
CA VAL B 362 23.30 -8.67 0.30
C VAL B 362 24.02 -10.04 0.27
N HIS B 363 23.51 -11.02 -0.52
CA HIS B 363 24.22 -12.28 -0.73
C HIS B 363 25.50 -12.15 -1.50
N ALA B 364 25.50 -11.31 -2.51
CA ALA B 364 26.73 -11.05 -3.25
C ALA B 364 27.80 -10.38 -2.33
N MET B 365 27.40 -9.49 -1.43
CA MET B 365 28.32 -8.88 -0.48
C MET B 365 28.92 -9.93 0.46
N GLN B 366 28.07 -10.83 0.93
CA GLN B 366 28.52 -11.90 1.79
C GLN B 366 29.56 -12.79 1.06
N LYS B 367 29.23 -13.27 -0.12
CA LYS B 367 30.10 -14.14 -0.92
C LYS B 367 31.35 -13.50 -1.36
N ARG B 368 31.29 -12.22 -1.67
CA ARG B 368 32.44 -11.58 -2.25
C ARG B 368 33.23 -10.80 -1.23
N ASP B 369 32.85 -10.88 0.03
CA ASP B 369 33.38 -10.04 1.06
C ASP B 369 33.46 -8.56 0.71
N ALA B 370 32.34 -7.98 0.33
CA ALA B 370 32.30 -6.58 -0.04
C ALA B 370 31.64 -5.87 1.12
N LYS B 371 32.26 -4.78 1.55
CA LYS B 371 31.83 -4.08 2.73
C LYS B 371 30.70 -3.11 2.45
N LYS B 372 30.76 -2.35 1.36
CA LYS B 372 29.82 -1.27 1.17
C LYS B 372 29.01 -1.56 -0.05
N GLY B 373 27.69 -1.56 0.10
CA GLY B 373 26.78 -1.86 -1.02
C GLY B 373 25.69 -0.78 -1.25
N LEU B 374 25.30 -0.61 -2.51
CA LEU B 374 24.22 0.28 -2.91
C LEU B 374 23.22 -0.52 -3.73
N ALA B 375 21.93 -0.41 -3.37
CA ALA B 375 20.83 -0.87 -4.22
C ALA B 375 20.01 0.36 -4.64
N THR B 376 19.79 0.51 -5.93
CA THR B 376 19.01 1.64 -6.46
C THR B 376 18.13 1.20 -7.65
N LEU B 377 16.91 1.74 -7.72
CA LEU B 377 16.03 1.55 -8.84
C LEU B 377 15.01 2.68 -9.03
N CYS B 378 14.40 2.71 -10.20
CA CYS B 378 13.42 3.73 -10.62
C CYS B 378 14.14 5.02 -10.91
N ILE B 379 13.55 5.84 -11.76
CA ILE B 379 14.16 7.11 -12.15
C ILE B 379 13.08 8.19 -12.16
N GLY B 380 13.50 9.43 -11.96
CA GLY B 380 12.56 10.57 -11.95
C GLY B 380 12.24 11.04 -10.54
N GLY B 381 12.12 12.35 -10.35
CA GLY B 381 11.91 12.95 -9.01
C GLY B 381 10.70 12.37 -8.32
N GLY B 382 10.89 12.07 -7.04
CA GLY B 382 9.84 11.49 -6.26
C GLY B 382 9.77 9.97 -6.39
N GLN B 383 10.49 9.37 -7.33
CA GLN B 383 10.38 7.91 -7.58
C GLN B 383 11.60 7.07 -7.23
N GLY B 384 12.79 7.67 -7.29
CA GLY B 384 14.05 6.94 -6.98
C GLY B 384 13.96 6.29 -5.61
N THR B 385 14.36 5.01 -5.50
CA THR B 385 14.42 4.33 -4.22
C THR B 385 15.83 3.77 -4.15
N ALA B 386 16.48 3.95 -3.02
CA ALA B 386 17.90 3.52 -2.81
C ALA B 386 18.14 3.15 -1.35
N ILE B 387 19.01 2.17 -1.14
CA ILE B 387 19.42 1.74 0.16
C ILE B 387 20.94 1.50 0.14
N LEU B 388 21.59 1.92 1.21
CA LEU B 388 23.04 1.64 1.41
C LEU B 388 23.18 0.63 2.49
N LEU B 389 24.00 -0.39 2.23
CA LEU B 389 24.27 -1.46 3.21
C LEU B 389 25.79 -1.48 3.56
N GLU B 390 26.05 -1.82 4.80
CA GLU B 390 27.43 -2.12 5.24
C GLU B 390 27.43 -3.50 5.82
N LYS B 391 28.33 -4.35 5.33
CA LYS B 391 28.31 -5.76 5.72
C LYS B 391 28.71 -5.90 7.17
N CYS B 392 28.09 -6.85 7.86
CA CYS B 392 28.42 -7.14 9.25
C CYS B 392 29.69 -8.01 9.34
N LEU B 393 30.54 -7.74 10.34
CA LEU B 393 31.76 -8.54 10.58
C LEU B 393 31.44 -10.00 10.87
C ACT C . -2.78 2.36 14.13
O ACT C . -1.52 2.24 13.88
OXT ACT C . -3.49 1.55 14.82
CH3 ACT C . -3.54 3.52 13.57
C1 PEG D . 4.40 29.82 15.75
O1 PEG D . 2.98 29.66 15.82
C2 PEG D . 4.80 31.30 15.89
O2 PEG D . 4.70 32.01 14.66
C3 PEG D . 5.78 31.84 13.76
C4 PEG D . 5.28 32.41 12.43
O4 PEG D . 5.96 31.81 11.34
C1 PEG E . -3.43 -21.29 -18.70
O1 PEG E . -4.78 -21.72 -19.05
C2 PEG E . -3.63 -20.26 -17.58
O2 PEG E . -2.48 -19.83 -16.76
C3 PEG E . -2.74 -18.76 -15.77
C4 PEG E . -3.65 -17.63 -16.31
O4 PEG E . -3.70 -16.30 -15.71
C1 PEG F . -10.02 17.15 -9.49
O1 PEG F . -8.80 16.40 -9.64
C2 PEG F . -9.63 18.58 -9.16
O2 PEG F . -9.05 18.62 -7.84
C3 PEG F . -8.74 19.94 -7.42
C4 PEG F . -10.01 20.74 -7.30
O4 PEG F . -10.19 21.32 -6.01
C1 PEG G . -26.12 0.66 23.90
O1 PEG G . -25.95 1.44 22.67
C2 PEG G . -25.22 -0.60 24.07
O2 PEG G . -23.85 -0.30 24.49
C3 PEG G . -23.08 -1.21 25.33
C4 PEG G . -22.76 -0.64 26.71
O4 PEG G . -21.36 -0.25 26.87
C1 GOL H . -21.56 -4.21 3.91
O1 GOL H . -22.91 -3.81 4.15
C2 GOL H . -20.62 -3.04 4.21
O2 GOL H . -20.80 -2.36 5.47
C3 GOL H . -19.28 -3.67 4.27
O3 GOL H . -18.30 -2.69 4.12
C ACT I . 14.11 4.09 0.07
O ACT I . 14.36 2.81 -0.12
OXT ACT I . 13.55 4.72 1.00
CH3 ACT I . 14.56 4.95 -0.94
C1 PEG J . -19.91 3.99 -13.28
O1 PEG J . -18.58 3.34 -13.18
C2 PEG J . -20.03 5.45 -13.66
O2 PEG J . -21.46 5.73 -13.85
C3 PEG J . -21.91 5.25 -15.13
C4 PEG J . -23.14 5.77 -15.82
O4 PEG J . -22.98 5.44 -17.27
C1 PEG K . -12.29 1.39 -28.40
O1 PEG K . -12.65 2.31 -27.37
C2 PEG K . -11.35 0.35 -27.84
O2 PEG K . -10.26 0.09 -28.70
C3 PEG K . -9.01 0.18 -28.01
C4 PEG K . -8.18 -1.07 -28.29
O4 PEG K . -6.80 -0.73 -28.23
C1 PEG L . 2.29 -21.97 -0.36
O1 PEG L . 1.32 -20.95 -0.07
C2 PEG L . 2.67 -22.74 0.92
O2 PEG L . 3.55 -21.88 1.68
C3 PEG L . 4.67 -22.55 2.23
C4 PEG L . 5.68 -22.83 1.12
O4 PEG L . 6.93 -23.24 1.70
C1 PEG M . -30.77 5.89 -23.57
O1 PEG M . -29.42 5.99 -24.10
C2 PEG M . -30.77 5.84 -22.04
O2 PEG M . -32.04 5.43 -21.50
C3 PEG M . -31.99 4.19 -20.80
C4 PEG M . -32.42 4.37 -19.35
O4 PEG M . -31.36 3.98 -18.50
C1 GOL N . 8.62 -2.75 -18.10
O1 GOL N . 8.63 -3.22 -16.76
C2 GOL N . 9.19 -3.87 -18.93
O2 GOL N . 10.57 -3.94 -18.51
C3 GOL N . 8.86 -3.50 -20.38
O3 GOL N . 9.48 -4.43 -21.27
#